data_8B7V
#
_entry.id   8B7V
#
_cell.length_a   1.00
_cell.length_b   1.00
_cell.length_c   1.00
_cell.angle_alpha   90.00
_cell.angle_beta   90.00
_cell.angle_gamma   90.00
#
_symmetry.space_group_name_H-M   'P 1'
#
_entity_poly.entity_id   1
_entity_poly.type   'polypeptide(L)'
_entity_poly.pdbx_seq_one_letter_code
;VDFHGYARSGIGWTGSGGEQQCFQTTGAQSKYRLGNECETYAELKLGQEVWKEGDKSFYFDTNVAYSVAQQNDWEATDPA
FREANVQGKNLIEWLPGSTIWAGKRFYQRHDVHMIDFYYWDISGPGAGLENIDVGFGKLSLAATRSSEAGGSSSFASNNI
YDYTNETANDVFDVRLAQMEINPGGTLELGVDYGRANLRDNYRLVDGASKDGWLFTAEHTQSVLKGFNKFVVQYATDSMT
SQGKGLSQGSGVAFDNEKFAYNINNNGHMLRILDHGAISMGDNWDMMYVGMYQDINWDNDNGTKWWTVGIRPMYKWTPIM
STVMEIGYDNVESQRTGDKNNQYKITLAQQWQAGDSIWSRPAIRVFATYAKWDEKWGYDYTGNADNNANFGKAVPADFNG
GSFGRGDSDEWTFGAQMEIWW
;
_entity_poly.pdbx_strand_id   A,B,C
#
# COMPACT_ATOMS: atom_id res chain seq x y z
N VAL A 1 -19.83 8.73 -0.96
CA VAL A 1 -18.52 8.30 -1.51
C VAL A 1 -18.67 7.98 -2.96
N ASP A 2 -17.77 8.53 -3.77
CA ASP A 2 -17.80 8.48 -5.19
C ASP A 2 -16.56 7.70 -5.55
N PHE A 3 -16.67 6.69 -6.44
CA PHE A 3 -15.59 5.79 -6.77
C PHE A 3 -15.34 5.97 -8.25
N HIS A 4 -14.13 6.41 -8.60
CA HIS A 4 -13.74 6.71 -9.96
C HIS A 4 -12.35 6.14 -10.14
N GLY A 5 -11.86 5.99 -11.38
CA GLY A 5 -10.47 5.59 -11.54
C GLY A 5 -10.08 5.18 -12.93
N TYR A 6 -8.93 4.51 -13.03
CA TYR A 6 -8.37 4.03 -14.27
C TYR A 6 -7.68 2.71 -13.96
N ALA A 7 -7.79 1.72 -14.87
CA ALA A 7 -7.03 0.51 -14.74
C ALA A 7 -6.75 -0.14 -16.09
N ARG A 8 -5.62 -0.85 -16.18
CA ARG A 8 -5.29 -1.67 -17.31
C ARG A 8 -4.60 -2.93 -16.81
N SER A 9 -4.93 -4.08 -17.41
CA SER A 9 -4.32 -5.36 -17.04
C SER A 9 -4.55 -6.32 -18.18
N GLY A 10 -3.84 -7.45 -18.24
CA GLY A 10 -3.99 -8.39 -19.33
C GLY A 10 -3.06 -9.54 -19.21
N ILE A 11 -2.85 -10.25 -20.34
CA ILE A 11 -1.86 -11.30 -20.46
C ILE A 11 -1.40 -11.31 -21.91
N GLY A 12 -0.09 -11.47 -22.16
CA GLY A 12 0.43 -11.52 -23.52
C GLY A 12 1.61 -12.42 -23.67
N TRP A 13 1.97 -12.66 -24.93
CA TRP A 13 3.02 -13.56 -25.37
C TRP A 13 3.82 -12.87 -26.45
N THR A 14 5.04 -13.37 -26.70
CA THR A 14 5.93 -12.90 -27.74
C THR A 14 6.13 -14.02 -28.74
N GLY A 15 6.26 -13.69 -30.04
CA GLY A 15 6.32 -14.63 -31.16
C GLY A 15 7.53 -15.53 -31.17
N SER A 16 8.64 -15.05 -30.58
CA SER A 16 9.87 -15.81 -30.37
C SER A 16 9.89 -16.52 -29.03
N GLY A 17 8.81 -16.42 -28.23
CA GLY A 17 8.69 -17.07 -26.94
C GLY A 17 8.81 -16.13 -25.78
N GLY A 18 8.40 -16.57 -24.58
CA GLY A 18 8.42 -15.72 -23.40
C GLY A 18 7.17 -14.90 -23.22
N GLU A 19 7.23 -14.01 -22.23
CA GLU A 19 6.22 -13.05 -21.87
C GLU A 19 6.16 -11.91 -22.86
N GLN A 20 5.17 -11.01 -22.75
CA GLN A 20 5.01 -9.92 -23.70
C GLN A 20 6.13 -8.89 -23.68
N GLN A 21 6.89 -8.77 -24.78
CA GLN A 21 7.79 -7.63 -24.97
C GLN A 21 7.04 -6.33 -25.25
N CYS A 22 7.62 -5.20 -24.81
CA CYS A 22 7.07 -3.88 -25.04
C CYS A 22 8.03 -3.08 -25.90
N PHE A 23 7.50 -2.37 -26.90
CA PHE A 23 8.28 -1.78 -27.97
C PHE A 23 8.27 -0.27 -27.89
N GLN A 24 9.43 0.34 -27.62
CA GLN A 24 9.59 1.77 -27.55
C GLN A 24 10.91 2.12 -28.18
N THR A 25 10.92 3.12 -29.08
CA THR A 25 12.12 3.59 -29.75
C THR A 25 13.11 4.22 -28.79
N THR A 26 14.40 3.83 -28.86
CA THR A 26 15.46 4.42 -28.02
C THR A 26 15.60 5.92 -28.28
N GLY A 27 15.29 6.74 -27.26
CA GLY A 27 15.29 8.21 -27.36
C GLY A 27 13.90 8.80 -27.53
N ALA A 28 12.85 7.98 -27.69
CA ALA A 28 11.48 8.45 -27.70
C ALA A 28 10.90 8.45 -26.29
N GLN A 29 10.04 9.44 -25.97
CA GLN A 29 9.54 9.64 -24.62
C GLN A 29 8.18 9.01 -24.41
N SER A 30 7.70 8.18 -25.35
CA SER A 30 6.39 7.57 -25.27
C SER A 30 6.34 6.34 -26.15
N LYS A 31 5.24 5.57 -26.10
CA LYS A 31 5.10 4.39 -26.94
C LYS A 31 3.65 4.25 -27.40
N TYR A 32 3.43 3.98 -28.71
CA TYR A 32 2.11 3.64 -29.26
C TYR A 32 1.49 2.47 -28.54
N ARG A 33 0.32 2.65 -27.89
CA ARG A 33 -0.01 1.80 -26.77
C ARG A 33 -1.02 0.70 -27.02
N LEU A 34 -1.67 0.60 -28.20
CA LEU A 34 -2.63 -0.48 -28.40
C LEU A 34 -1.92 -1.83 -28.51
N GLY A 35 -2.02 -2.70 -27.47
CA GLY A 35 -1.31 -3.97 -27.46
C GLY A 35 0.18 -3.83 -27.26
N ASN A 36 0.58 -2.90 -26.37
CA ASN A 36 1.97 -2.55 -26.14
C ASN A 36 2.13 -1.94 -24.75
N GLU A 37 1.34 -2.44 -23.80
CA GLU A 37 1.41 -2.10 -22.40
C GLU A 37 1.61 -3.43 -21.70
N CYS A 38 2.66 -3.52 -20.85
CA CYS A 38 3.14 -4.79 -20.31
C CYS A 38 3.00 -4.78 -18.81
N GLU A 39 2.28 -3.77 -18.28
CA GLU A 39 2.23 -3.45 -16.88
C GLU A 39 0.79 -3.53 -16.41
N THR A 40 0.51 -4.10 -15.21
CA THR A 40 -0.81 -3.94 -14.59
C THR A 40 -0.75 -2.66 -13.80
N TYR A 41 -1.59 -1.69 -14.19
CA TYR A 41 -1.57 -0.37 -13.63
C TYR A 41 -2.99 -0.04 -13.21
N ALA A 42 -3.17 0.49 -12.00
CA ALA A 42 -4.48 0.93 -11.56
C ALA A 42 -4.37 2.15 -10.66
N GLU A 43 -5.28 3.11 -10.84
CA GLU A 43 -5.43 4.28 -10.01
C GLU A 43 -6.84 4.23 -9.45
N LEU A 44 -6.94 4.25 -8.12
CA LEU A 44 -8.20 4.11 -7.42
C LEU A 44 -8.48 5.38 -6.66
N LYS A 45 -9.60 6.06 -6.98
CA LYS A 45 -9.93 7.34 -6.40
C LYS A 45 -11.22 7.24 -5.61
N LEU A 46 -11.19 7.69 -4.34
CA LEU A 46 -12.38 7.78 -3.51
C LEU A 46 -12.62 9.24 -3.21
N GLY A 47 -13.70 9.80 -3.76
CA GLY A 47 -14.07 11.18 -3.54
C GLY A 47 -15.31 11.30 -2.72
N GLN A 48 -15.62 12.53 -2.25
CA GLN A 48 -16.90 12.80 -1.66
C GLN A 48 -17.19 14.30 -1.68
N GLU A 49 -18.46 14.72 -1.87
CA GLU A 49 -18.87 16.08 -1.60
C GLU A 49 -19.23 16.18 -0.13
N VAL A 50 -18.29 16.71 0.69
CA VAL A 50 -18.33 16.60 2.15
C VAL A 50 -19.23 17.66 2.77
N TRP A 51 -19.41 18.81 2.09
CA TRP A 51 -20.30 19.84 2.56
C TRP A 51 -20.86 20.53 1.34
N LYS A 52 -22.17 20.85 1.34
CA LYS A 52 -22.77 21.61 0.28
C LYS A 52 -23.84 22.55 0.85
N GLU A 53 -23.76 23.85 0.56
CA GLU A 53 -24.76 24.80 0.97
C GLU A 53 -25.01 25.77 -0.17
N GLY A 54 -26.27 25.83 -0.68
CA GLY A 54 -26.61 26.66 -1.83
C GLY A 54 -25.86 26.33 -3.10
N ASP A 55 -24.96 27.23 -3.53
CA ASP A 55 -24.11 27.07 -4.68
C ASP A 55 -22.70 26.61 -4.29
N LYS A 56 -22.44 26.47 -2.97
CA LYS A 56 -21.12 26.35 -2.42
C LYS A 56 -20.88 24.95 -1.97
N SER A 57 -19.65 24.45 -2.13
CA SER A 57 -19.37 23.11 -1.70
C SER A 57 -17.90 22.91 -1.45
N PHE A 58 -17.60 21.88 -0.64
CA PHE A 58 -16.26 21.38 -0.44
C PHE A 58 -16.25 19.97 -0.96
N TYR A 59 -15.50 19.72 -2.04
CA TYR A 59 -15.29 18.40 -2.59
C TYR A 59 -13.94 17.91 -2.11
N PHE A 60 -13.85 16.62 -1.74
CA PHE A 60 -12.65 15.98 -1.28
C PHE A 60 -12.35 14.85 -2.25
N ASP A 61 -11.06 14.64 -2.57
CA ASP A 61 -10.65 13.68 -3.57
C ASP A 61 -9.30 13.09 -3.17
N THR A 62 -9.07 11.81 -3.52
CA THR A 62 -7.83 11.07 -3.23
C THR A 62 -7.43 10.29 -4.46
N ASN A 63 -6.18 9.78 -4.51
CA ASN A 63 -5.78 8.82 -5.52
C ASN A 63 -4.66 7.96 -4.96
N VAL A 64 -4.79 6.63 -5.08
CA VAL A 64 -3.76 5.67 -4.73
C VAL A 64 -3.48 4.86 -5.98
N ALA A 65 -2.21 4.79 -6.42
CA ALA A 65 -1.82 4.17 -7.66
C ALA A 65 -0.96 2.94 -7.42
N TYR A 66 -1.29 1.84 -8.12
CA TYR A 66 -0.61 0.57 -7.99
C TYR A 66 -0.02 0.22 -9.34
N SER A 67 1.25 -0.20 -9.38
CA SER A 67 1.90 -0.68 -10.59
C SER A 67 2.58 -1.99 -10.27
N VAL A 68 2.25 -3.06 -11.02
CA VAL A 68 2.85 -4.38 -10.83
C VAL A 68 3.09 -5.02 -12.18
N ALA A 69 3.94 -6.07 -12.23
CA ALA A 69 4.56 -6.54 -13.46
C ALA A 69 3.76 -7.59 -14.20
N GLN A 70 2.62 -8.05 -13.64
CA GLN A 70 1.68 -9.00 -14.20
C GLN A 70 2.26 -10.37 -14.52
N GLN A 71 3.06 -10.91 -13.59
CA GLN A 71 3.67 -12.21 -13.74
C GLN A 71 3.21 -13.22 -12.70
N ASN A 72 2.55 -12.80 -11.59
CA ASN A 72 2.10 -13.71 -10.55
C ASN A 72 0.80 -13.22 -9.91
N ASP A 73 0.10 -14.07 -9.11
CA ASP A 73 -0.99 -13.63 -8.24
C ASP A 73 -0.49 -12.67 -7.15
N TRP A 74 0.43 -13.14 -6.28
CA TRP A 74 0.90 -12.35 -5.17
C TRP A 74 2.02 -11.43 -5.64
N GLU A 75 1.65 -10.19 -5.99
CA GLU A 75 2.60 -9.17 -6.40
C GLU A 75 2.48 -8.05 -5.39
N ALA A 76 3.52 -7.93 -4.54
CA ALA A 76 3.66 -6.92 -3.52
C ALA A 76 4.37 -5.73 -4.14
N THR A 77 4.03 -4.50 -3.73
CA THR A 77 4.55 -3.31 -4.39
C THR A 77 4.32 -2.12 -3.50
N ASP A 78 5.13 -1.05 -3.66
CA ASP A 78 4.83 0.26 -3.13
C ASP A 78 3.59 0.88 -3.80
N PRO A 79 2.50 1.22 -3.14
CA PRO A 79 1.49 2.08 -3.72
C PRO A 79 1.99 3.52 -3.76
N ALA A 80 1.73 4.24 -4.85
CA ALA A 80 2.08 5.63 -4.93
C ALA A 80 0.88 6.47 -4.51
N PHE A 81 1.07 7.31 -3.48
CA PHE A 81 0.00 8.13 -2.95
C PHE A 81 -0.04 9.46 -3.71
N ARG A 82 -0.87 9.55 -4.76
CA ARG A 82 -0.74 10.60 -5.75
C ARG A 82 -1.64 11.80 -5.54
N GLU A 83 -2.78 11.64 -4.83
CA GLU A 83 -3.67 12.77 -4.62
C GLU A 83 -4.33 12.71 -3.25
N ALA A 84 -4.69 13.89 -2.75
CA ALA A 84 -5.35 14.13 -1.50
C ALA A 84 -5.57 15.64 -1.42
N ASN A 85 -6.71 16.12 -1.92
CA ASN A 85 -6.96 17.54 -2.05
C ASN A 85 -8.38 17.90 -1.68
N VAL A 86 -8.56 19.17 -1.28
CA VAL A 86 -9.87 19.72 -0.96
C VAL A 86 -10.11 20.87 -1.90
N GLN A 87 -11.28 20.89 -2.55
CA GLN A 87 -11.67 21.87 -3.53
C GLN A 87 -12.91 22.61 -3.05
N GLY A 88 -12.80 23.93 -2.82
CA GLY A 88 -13.87 24.76 -2.28
C GLY A 88 -14.47 25.65 -3.33
N LYS A 89 -15.73 25.38 -3.72
CA LYS A 89 -16.41 26.09 -4.78
C LYS A 89 -17.25 27.25 -4.28
N ASN A 90 -17.14 28.42 -4.96
CA ASN A 90 -17.97 29.60 -4.76
C ASN A 90 -17.86 30.20 -3.36
N LEU A 91 -16.68 30.07 -2.73
CA LEU A 91 -16.42 30.54 -1.39
C LEU A 91 -15.93 31.99 -1.40
N ILE A 92 -15.52 32.49 -2.58
CA ILE A 92 -15.16 33.89 -2.76
C ILE A 92 -16.31 34.52 -3.52
N GLU A 93 -17.07 35.39 -2.82
CA GLU A 93 -18.29 36.02 -3.29
C GLU A 93 -18.14 36.84 -4.57
N TRP A 94 -17.04 37.60 -4.67
CA TRP A 94 -16.80 38.52 -5.75
C TRP A 94 -16.02 37.88 -6.91
N LEU A 95 -15.78 36.56 -6.86
CA LEU A 95 -15.21 35.81 -7.97
C LEU A 95 -16.10 34.59 -8.29
N PRO A 96 -17.33 34.75 -8.78
CA PRO A 96 -18.28 33.65 -8.84
C PRO A 96 -17.92 32.60 -9.88
N GLY A 97 -18.13 31.30 -9.54
CA GLY A 97 -17.79 30.14 -10.36
C GLY A 97 -16.51 29.49 -9.90
N SER A 98 -15.63 30.30 -9.30
CA SER A 98 -14.29 29.91 -8.87
C SER A 98 -14.20 28.78 -7.86
N THR A 99 -13.08 28.06 -7.91
CA THR A 99 -12.71 27.02 -6.97
C THR A 99 -11.40 27.43 -6.33
N ILE A 100 -11.30 27.43 -4.99
CA ILE A 100 -9.99 27.45 -4.33
C ILE A 100 -9.65 26.03 -3.95
N TRP A 101 -8.36 25.67 -3.99
CA TRP A 101 -7.97 24.32 -3.68
C TRP A 101 -6.61 24.29 -3.04
N ALA A 102 -6.35 23.23 -2.24
CA ALA A 102 -5.05 23.00 -1.67
C ALA A 102 -4.88 21.52 -1.43
N GLY A 103 -3.62 21.04 -1.45
CA GLY A 103 -3.27 19.66 -1.22
C GLY A 103 -2.65 19.05 -2.44
N LYS A 104 -2.65 17.72 -2.50
CA LYS A 104 -2.00 16.99 -3.56
C LYS A 104 -2.99 16.66 -4.66
N ARG A 105 -2.72 17.09 -5.92
CA ARG A 105 -3.74 17.09 -6.95
C ARG A 105 -3.18 16.90 -8.35
N PHE A 106 -3.92 16.15 -9.20
CA PHE A 106 -3.77 16.21 -10.65
C PHE A 106 -4.43 17.47 -11.19
N TYR A 107 -3.62 18.46 -11.60
CA TYR A 107 -4.15 19.76 -11.95
C TYR A 107 -4.14 19.92 -13.46
N GLN A 108 -5.33 19.76 -14.07
CA GLN A 108 -5.62 20.07 -15.46
C GLN A 108 -4.67 19.47 -16.48
N ARG A 109 -4.36 18.16 -16.31
CA ARG A 109 -3.49 17.43 -17.20
C ARG A 109 -4.03 17.31 -18.62
N HIS A 110 -3.15 17.44 -19.62
CA HIS A 110 -3.54 17.30 -21.02
C HIS A 110 -2.66 16.24 -21.70
N ASP A 111 -3.29 15.24 -22.34
CA ASP A 111 -2.61 14.10 -22.93
C ASP A 111 -3.01 13.76 -24.36
N VAL A 112 -2.22 12.86 -24.95
CA VAL A 112 -2.56 12.16 -26.17
C VAL A 112 -2.72 10.68 -25.83
N HIS A 113 -3.98 10.19 -25.77
CA HIS A 113 -4.31 8.84 -25.30
C HIS A 113 -3.63 7.68 -26.04
N MET A 114 -3.47 7.76 -27.38
CA MET A 114 -2.96 6.63 -28.13
C MET A 114 -1.46 6.35 -27.96
N ILE A 115 -0.68 7.32 -27.43
CA ILE A 115 0.73 7.14 -27.14
C ILE A 115 1.03 7.23 -25.65
N ASP A 116 0.00 7.41 -24.78
CA ASP A 116 0.13 7.60 -23.33
C ASP A 116 1.09 8.75 -22.96
N PHE A 117 0.90 9.93 -23.60
CA PHE A 117 1.85 11.02 -23.49
C PHE A 117 1.18 12.27 -22.96
N TYR A 118 1.60 12.70 -21.76
CA TYR A 118 1.21 13.96 -21.16
C TYR A 118 2.13 15.05 -21.67
N TYR A 119 1.58 16.06 -22.37
CA TYR A 119 2.39 17.14 -22.91
C TYR A 119 2.31 18.39 -22.05
N TRP A 120 1.30 18.46 -21.17
CA TRP A 120 1.19 19.55 -20.24
C TRP A 120 0.62 19.01 -18.94
N ASP A 121 1.36 19.17 -17.82
CA ASP A 121 1.13 18.43 -16.61
C ASP A 121 2.11 18.92 -15.53
N ILE A 122 1.60 19.73 -14.58
CA ILE A 122 2.36 20.30 -13.47
C ILE A 122 1.93 19.69 -12.15
N SER A 123 1.33 18.48 -12.19
CA SER A 123 0.74 17.80 -11.04
C SER A 123 1.66 17.53 -9.87
N GLY A 124 1.13 17.58 -8.64
CA GLY A 124 1.96 17.44 -7.45
C GLY A 124 1.28 17.98 -6.22
N PRO A 125 1.97 18.08 -5.09
CA PRO A 125 1.58 18.93 -3.98
C PRO A 125 1.46 20.39 -4.36
N GLY A 126 0.33 21.06 -4.07
CA GLY A 126 0.22 22.46 -4.39
C GLY A 126 -0.98 23.14 -3.79
N ALA A 127 -1.28 24.34 -4.32
CA ALA A 127 -2.48 25.06 -3.97
C ALA A 127 -2.80 26.04 -5.08
N GLY A 128 -4.07 26.47 -5.21
CA GLY A 128 -4.40 27.37 -6.30
C GLY A 128 -5.78 27.95 -6.24
N LEU A 129 -6.05 28.85 -7.20
CA LEU A 129 -7.31 29.52 -7.41
C LEU A 129 -7.70 29.33 -8.86
N GLU A 130 -8.82 28.63 -9.09
CA GLU A 130 -9.15 28.01 -10.36
C GLU A 130 -10.48 28.48 -10.89
N ASN A 131 -10.58 28.66 -12.22
CA ASN A 131 -11.79 29.01 -12.95
C ASN A 131 -12.39 30.36 -12.59
N ILE A 132 -11.53 31.39 -12.47
CA ILE A 132 -11.96 32.77 -12.33
C ILE A 132 -12.55 33.23 -13.65
N ASP A 133 -13.74 33.87 -13.63
CA ASP A 133 -14.32 34.41 -14.85
C ASP A 133 -13.74 35.78 -15.15
N VAL A 134 -13.23 35.98 -16.39
CA VAL A 134 -12.70 37.26 -16.82
C VAL A 134 -13.55 37.82 -17.96
N GLY A 135 -14.74 37.22 -18.19
CA GLY A 135 -15.74 37.68 -19.14
C GLY A 135 -15.60 37.15 -20.54
N PHE A 136 -14.36 37.00 -21.03
CA PHE A 136 -14.10 36.47 -22.36
C PHE A 136 -13.47 35.09 -22.30
N GLY A 137 -13.28 34.54 -21.09
CA GLY A 137 -12.61 33.28 -20.91
C GLY A 137 -12.46 33.02 -19.44
N LYS A 138 -11.66 32.01 -19.09
CA LYS A 138 -11.43 31.59 -17.72
C LYS A 138 -9.97 31.70 -17.35
N LEU A 139 -9.68 32.14 -16.12
CA LEU A 139 -8.33 32.31 -15.63
C LEU A 139 -8.10 31.38 -14.44
N SER A 140 -6.98 30.66 -14.40
CA SER A 140 -6.63 29.76 -13.30
C SER A 140 -5.18 29.97 -12.96
N LEU A 141 -4.85 29.94 -11.64
CA LEU A 141 -3.54 30.25 -11.11
C LEU A 141 -3.21 29.26 -10.01
N ALA A 142 -2.04 28.60 -10.04
CA ALA A 142 -1.62 27.70 -8.99
C ALA A 142 -0.13 27.79 -8.72
N ALA A 143 0.30 27.10 -7.65
CA ALA A 143 1.69 26.87 -7.33
C ALA A 143 1.83 25.41 -6.95
N THR A 144 2.82 24.70 -7.54
CA THR A 144 3.07 23.28 -7.27
C THR A 144 4.55 23.07 -7.03
N ARG A 145 4.91 21.89 -6.47
CA ARG A 145 6.28 21.54 -6.16
C ARG A 145 6.66 20.19 -6.77
N SER A 146 7.93 20.10 -7.21
CA SER A 146 8.61 18.87 -7.53
C SER A 146 9.97 18.92 -6.90
N SER A 147 10.71 17.81 -6.81
CA SER A 147 12.08 17.84 -6.32
C SER A 147 12.99 16.95 -7.15
N GLU A 148 14.30 17.19 -7.01
CA GLU A 148 15.35 16.43 -7.65
C GLU A 148 16.12 15.78 -6.52
N ALA A 149 16.48 14.47 -6.66
CA ALA A 149 17.00 13.64 -5.60
C ALA A 149 18.29 14.13 -4.94
N GLY A 150 19.11 14.88 -5.69
CA GLY A 150 20.27 15.54 -5.11
C GLY A 150 20.50 16.84 -5.84
N GLY A 151 21.76 17.14 -6.15
CA GLY A 151 22.12 18.29 -6.97
C GLY A 151 22.45 19.54 -6.20
N SER A 152 22.29 19.50 -4.87
CA SER A 152 22.57 20.62 -3.99
C SER A 152 23.66 20.27 -3.00
N SER A 153 24.60 21.20 -2.74
CA SER A 153 25.67 21.03 -1.75
C SER A 153 25.57 22.12 -0.71
N SER A 154 25.98 21.82 0.53
CA SER A 154 25.91 22.72 1.67
C SER A 154 27.18 23.53 1.81
N PHE A 155 28.21 23.28 0.99
CA PHE A 155 29.46 24.01 1.04
C PHE A 155 29.96 24.29 -0.36
N ALA A 156 30.95 25.19 -0.49
CA ALA A 156 31.51 25.53 -1.79
C ALA A 156 32.48 24.48 -2.28
N SER A 157 32.15 23.80 -3.40
CA SER A 157 32.99 22.74 -3.91
C SER A 157 32.89 22.69 -5.42
N ASN A 158 33.90 22.08 -6.06
CA ASN A 158 33.96 21.88 -7.50
C ASN A 158 33.88 20.38 -7.77
N ASN A 159 33.63 19.56 -6.72
CA ASN A 159 33.46 18.12 -6.85
C ASN A 159 31.98 17.84 -7.05
N ILE A 160 31.62 17.08 -8.12
CA ILE A 160 30.26 16.71 -8.44
C ILE A 160 29.62 15.83 -7.37
N TYR A 161 30.39 14.93 -6.73
CA TYR A 161 29.90 13.96 -5.77
C TYR A 161 29.48 14.57 -4.43
N ASP A 162 29.84 15.84 -4.16
CA ASP A 162 29.44 16.55 -2.96
C ASP A 162 28.00 17.07 -3.05
N TYR A 163 27.41 17.11 -4.27
CA TYR A 163 26.11 17.69 -4.54
C TYR A 163 25.00 16.67 -4.37
N THR A 164 24.83 16.13 -3.15
CA THR A 164 23.94 15.01 -2.84
C THR A 164 22.73 15.37 -2.01
N ASN A 165 22.50 16.66 -1.72
CA ASN A 165 21.36 17.07 -0.92
C ASN A 165 20.19 17.36 -1.85
N GLU A 166 18.95 16.98 -1.48
CA GLU A 166 17.76 17.14 -2.29
C GLU A 166 17.47 18.57 -2.73
N THR A 167 17.02 18.77 -3.98
CA THR A 167 16.77 20.10 -4.53
C THR A 167 15.29 20.27 -4.77
N ALA A 168 14.60 21.07 -3.93
CA ALA A 168 13.23 21.48 -4.17
C ALA A 168 13.09 22.40 -5.39
N ASN A 169 12.03 22.24 -6.19
CA ASN A 169 11.71 23.12 -7.29
C ASN A 169 10.30 23.66 -7.06
N ASP A 170 10.10 24.96 -7.34
CA ASP A 170 8.80 25.60 -7.29
C ASP A 170 8.32 25.78 -8.73
N VAL A 171 7.03 25.51 -9.02
CA VAL A 171 6.41 25.82 -10.31
C VAL A 171 5.21 26.73 -10.07
N PHE A 172 5.08 27.81 -10.86
CA PHE A 172 3.99 28.77 -10.77
C PHE A 172 3.36 28.92 -12.15
N ASP A 173 2.02 28.86 -12.26
CA ASP A 173 1.38 28.96 -13.57
C ASP A 173 0.38 30.11 -13.72
N VAL A 174 0.14 30.48 -14.98
CA VAL A 174 -1.01 31.25 -15.39
C VAL A 174 -1.65 30.51 -16.56
N ARG A 175 -2.89 30.02 -16.39
CA ARG A 175 -3.65 29.40 -17.45
C ARG A 175 -4.82 30.30 -17.80
N LEU A 176 -4.91 30.72 -19.08
CA LEU A 176 -6.00 31.53 -19.60
C LEU A 176 -6.71 30.72 -20.67
N ALA A 177 -7.94 30.31 -20.40
CA ALA A 177 -8.57 29.18 -21.03
C ALA A 177 -9.95 29.49 -21.55
N GLN A 178 -10.44 28.61 -22.46
CA GLN A 178 -11.79 28.62 -23.01
C GLN A 178 -12.21 29.88 -23.75
N MET A 179 -11.29 30.52 -24.50
CA MET A 179 -11.62 31.73 -25.23
C MET A 179 -12.17 31.37 -26.60
N GLU A 180 -13.39 31.83 -26.97
CA GLU A 180 -13.88 31.68 -28.34
C GLU A 180 -13.03 32.49 -29.32
N ILE A 181 -12.59 31.86 -30.42
CA ILE A 181 -11.68 32.51 -31.35
C ILE A 181 -12.17 32.34 -32.78
N ASN A 182 -13.00 31.30 -33.04
CA ASN A 182 -13.69 31.16 -34.29
C ASN A 182 -14.92 30.31 -34.02
N PRO A 183 -15.96 30.28 -34.85
CA PRO A 183 -17.11 29.40 -34.62
C PRO A 183 -16.74 27.93 -34.47
N GLY A 184 -17.06 27.33 -33.30
CA GLY A 184 -16.73 25.93 -33.03
C GLY A 184 -15.29 25.67 -32.61
N GLY A 185 -14.49 26.74 -32.38
CA GLY A 185 -13.10 26.61 -31.99
C GLY A 185 -12.74 27.54 -30.85
N THR A 186 -11.92 27.03 -29.92
CA THR A 186 -11.52 27.73 -28.71
C THR A 186 -10.01 27.74 -28.58
N LEU A 187 -9.49 28.72 -27.82
CA LEU A 187 -8.07 28.92 -27.58
C LEU A 187 -7.78 28.87 -26.09
N GLU A 188 -6.70 28.16 -25.71
CA GLU A 188 -6.16 28.13 -24.36
C GLU A 188 -4.69 28.51 -24.41
N LEU A 189 -4.26 29.42 -23.51
CA LEU A 189 -2.90 29.92 -23.43
C LEU A 189 -2.37 29.69 -22.04
N GLY A 190 -1.13 29.18 -21.93
CA GLY A 190 -0.49 28.91 -20.66
C GLY A 190 0.89 29.48 -20.59
N VAL A 191 1.25 29.97 -19.40
CA VAL A 191 2.61 30.34 -19.06
C VAL A 191 2.93 29.65 -17.75
N ASP A 192 3.91 28.73 -17.73
CA ASP A 192 4.35 28.06 -16.54
C ASP A 192 5.81 28.50 -16.33
N TYR A 193 6.17 28.96 -15.12
CA TYR A 193 7.52 29.38 -14.78
C TYR A 193 7.94 28.56 -13.59
N GLY A 194 9.19 28.05 -13.59
CA GLY A 194 9.68 27.28 -12.47
C GLY A 194 11.08 27.63 -12.13
N ARG A 195 11.49 27.31 -10.89
CA ARG A 195 12.85 27.53 -10.45
C ARG A 195 13.22 26.54 -9.39
N ALA A 196 14.52 26.19 -9.32
CA ALA A 196 15.10 25.57 -8.15
C ALA A 196 15.07 26.48 -6.91
N ASN A 197 14.82 25.87 -5.75
CA ASN A 197 14.65 26.56 -4.50
C ASN A 197 15.60 25.93 -3.49
N LEU A 198 16.46 26.76 -2.89
CA LEU A 198 17.58 26.30 -2.10
C LEU A 198 17.40 26.79 -0.69
N ARG A 199 17.65 25.92 0.31
CA ARG A 199 17.89 26.31 1.69
C ARG A 199 19.09 27.25 1.81
N ASP A 200 19.11 28.17 2.80
CA ASP A 200 20.22 29.08 2.98
C ASP A 200 21.58 28.38 3.16
N ASN A 201 22.63 28.99 2.58
CA ASN A 201 23.99 28.49 2.45
C ASN A 201 24.17 27.36 1.44
N TYR A 202 23.10 26.74 0.92
CA TYR A 202 23.18 25.64 -0.02
C TYR A 202 23.32 26.18 -1.45
N ARG A 203 23.76 25.32 -2.39
CA ARG A 203 24.04 25.77 -3.74
C ARG A 203 24.00 24.63 -4.74
N LEU A 204 23.74 24.99 -6.02
CA LEU A 204 23.84 24.11 -7.15
C LEU A 204 25.26 24.21 -7.74
N VAL A 205 25.60 23.29 -8.66
CA VAL A 205 26.85 23.31 -9.42
C VAL A 205 27.03 24.56 -10.29
N ASP A 206 28.29 24.99 -10.53
CA ASP A 206 28.58 26.04 -11.49
C ASP A 206 28.06 25.72 -12.89
N GLY A 207 27.27 26.64 -13.48
CA GLY A 207 26.62 26.39 -14.76
C GLY A 207 25.34 25.62 -14.69
N ALA A 208 24.79 25.34 -13.48
CA ALA A 208 23.42 24.86 -13.35
C ALA A 208 22.38 25.84 -13.87
N SER A 209 21.39 25.32 -14.62
CA SER A 209 20.35 26.07 -15.30
C SER A 209 19.47 26.88 -14.40
N LYS A 210 19.04 26.26 -13.28
CA LYS A 210 18.42 26.91 -12.15
C LYS A 210 16.94 27.27 -12.31
N ASP A 211 16.57 27.98 -13.38
CA ASP A 211 15.21 28.39 -13.62
C ASP A 211 14.87 28.36 -15.11
N GLY A 212 13.58 28.49 -15.47
CA GLY A 212 13.18 28.24 -16.85
C GLY A 212 11.71 28.44 -17.08
N TRP A 213 11.32 28.54 -18.36
CA TRP A 213 9.99 28.92 -18.78
C TRP A 213 9.35 27.86 -19.66
N LEU A 214 8.02 27.69 -19.56
CA LEU A 214 7.22 26.93 -20.49
C LEU A 214 6.10 27.83 -21.00
N PHE A 215 5.93 27.92 -22.33
CA PHE A 215 4.86 28.68 -22.95
C PHE A 215 4.03 27.72 -23.78
N THR A 216 2.72 27.61 -23.49
CA THR A 216 1.82 26.68 -24.16
C THR A 216 0.74 27.45 -24.87
N ALA A 217 0.50 27.15 -26.16
CA ALA A 217 -0.67 27.64 -26.86
C ALA A 217 -1.41 26.45 -27.46
N GLU A 218 -2.69 26.27 -27.10
CA GLU A 218 -3.50 25.18 -27.58
C GLU A 218 -4.77 25.68 -28.23
N HIS A 219 -5.09 25.20 -29.44
CA HIS A 219 -6.35 25.48 -30.11
C HIS A 219 -7.13 24.19 -30.16
N THR A 220 -8.41 24.23 -29.76
CA THR A 220 -9.30 23.08 -29.80
C THR A 220 -10.42 23.39 -30.75
N GLN A 221 -10.55 22.60 -31.81
CA GLN A 221 -11.51 22.82 -32.88
C GLN A 221 -12.45 21.62 -32.97
N SER A 222 -13.78 21.82 -32.86
CA SER A 222 -14.72 20.74 -33.04
C SER A 222 -14.98 20.45 -34.51
N VAL A 223 -14.80 19.18 -34.92
CA VAL A 223 -14.98 18.74 -36.29
C VAL A 223 -15.47 17.30 -36.26
N LEU A 224 -16.38 16.94 -37.19
CA LEU A 224 -16.82 15.57 -37.46
C LEU A 224 -17.21 14.70 -36.26
N LYS A 225 -17.98 15.30 -35.32
CA LYS A 225 -18.50 14.67 -34.09
C LYS A 225 -17.44 14.48 -33.02
N GLY A 226 -16.24 15.03 -33.20
CA GLY A 226 -15.17 14.99 -32.23
C GLY A 226 -14.42 16.28 -32.31
N PHE A 227 -13.08 16.20 -32.37
CA PHE A 227 -12.24 17.36 -32.27
C PHE A 227 -10.87 17.16 -32.87
N ASN A 228 -10.19 18.30 -33.08
CA ASN A 228 -8.79 18.43 -33.40
C ASN A 228 -8.24 19.32 -32.30
N LYS A 229 -7.11 18.95 -31.69
CA LYS A 229 -6.34 19.80 -30.82
C LYS A 229 -5.04 20.09 -31.56
N PHE A 230 -4.67 21.37 -31.65
CA PHE A 230 -3.42 21.79 -32.25
C PHE A 230 -2.65 22.53 -31.17
N VAL A 231 -1.46 22.02 -30.82
CA VAL A 231 -0.70 22.45 -29.67
C VAL A 231 0.68 22.90 -30.09
N VAL A 232 1.10 24.10 -29.66
CA VAL A 232 2.45 24.58 -29.85
C VAL A 232 3.01 24.92 -28.48
N GLN A 233 4.14 24.30 -28.11
CA GLN A 233 4.81 24.57 -26.85
C GLN A 233 6.26 24.94 -27.08
N TYR A 234 6.73 25.98 -26.37
CA TYR A 234 8.11 26.38 -26.37
C TYR A 234 8.57 26.39 -24.92
N ALA A 235 9.77 25.87 -24.63
CA ALA A 235 10.28 25.84 -23.28
C ALA A 235 11.77 26.09 -23.29
N THR A 236 12.33 26.62 -22.18
CA THR A 236 13.76 26.87 -22.07
C THR A 236 14.30 26.27 -20.80
N ASP A 237 15.62 26.02 -20.79
CA ASP A 237 16.42 25.72 -19.62
C ASP A 237 15.85 24.63 -18.70
N SER A 238 15.55 24.96 -17.42
CA SER A 238 15.13 23.98 -16.41
C SER A 238 13.89 23.16 -16.74
N MET A 239 13.00 23.70 -17.59
CA MET A 239 11.78 23.02 -18.02
C MET A 239 12.00 21.99 -19.12
N THR A 240 13.16 22.02 -19.83
CA THR A 240 13.38 21.18 -21.00
C THR A 240 13.47 19.67 -20.75
N SER A 241 14.20 19.23 -19.70
CA SER A 241 14.46 17.82 -19.45
C SER A 241 13.25 17.01 -19.06
N GLN A 242 12.41 17.53 -18.13
CA GLN A 242 11.14 16.93 -17.77
C GLN A 242 10.11 17.11 -18.86
N GLY A 243 10.10 18.30 -19.51
CA GLY A 243 9.47 18.49 -20.80
C GLY A 243 7.98 18.66 -20.83
N LYS A 244 7.29 18.76 -19.68
CA LYS A 244 5.84 18.89 -19.71
C LYS A 244 5.28 19.71 -18.57
N GLY A 245 6.12 20.40 -17.78
CA GLY A 245 5.61 21.34 -16.79
C GLY A 245 6.42 21.49 -15.53
N LEU A 246 7.29 20.53 -15.19
CA LEU A 246 8.00 20.60 -13.93
C LEU A 246 9.45 20.99 -14.15
N SER A 247 9.92 22.02 -13.41
CA SER A 247 11.31 22.44 -13.38
C SER A 247 12.23 21.36 -12.81
N GLN A 248 13.37 21.13 -13.47
CA GLN A 248 14.50 20.45 -12.90
C GLN A 248 15.68 21.38 -13.11
N GLY A 249 16.23 21.95 -12.02
CA GLY A 249 17.10 23.10 -12.10
C GLY A 249 18.51 22.80 -11.69
N SER A 250 18.74 21.68 -10.98
CA SER A 250 20.07 21.28 -10.53
C SER A 250 21.03 20.91 -11.64
N GLY A 251 20.54 20.15 -12.64
CA GLY A 251 21.36 19.62 -13.72
C GLY A 251 22.12 18.37 -13.36
N VAL A 252 21.86 17.77 -12.19
CA VAL A 252 22.60 16.64 -11.67
C VAL A 252 21.71 15.41 -11.62
N ALA A 253 22.23 14.26 -12.09
CA ALA A 253 21.52 13.00 -12.08
C ALA A 253 22.33 11.99 -11.30
N PHE A 254 21.71 10.85 -10.92
CA PHE A 254 22.32 9.89 -10.01
C PHE A 254 22.38 8.51 -10.60
N ASP A 255 23.57 7.89 -10.48
CA ASP A 255 23.87 6.53 -10.81
C ASP A 255 23.18 5.52 -9.88
N ASN A 256 23.18 4.23 -10.27
CA ASN A 256 22.73 3.10 -9.49
C ASN A 256 23.56 2.95 -8.22
N GLU A 257 24.89 3.13 -8.36
CA GLU A 257 25.87 2.96 -7.29
C GLU A 257 26.06 4.26 -6.52
N LYS A 258 25.28 5.29 -6.90
CA LYS A 258 25.02 6.54 -6.18
C LYS A 258 26.02 7.63 -6.48
N PHE A 259 26.83 7.46 -7.54
CA PHE A 259 27.61 8.52 -8.12
C PHE A 259 26.74 9.61 -8.75
N ALA A 260 26.91 10.86 -8.32
CA ALA A 260 26.34 12.01 -8.99
C ALA A 260 27.00 12.27 -10.35
N TYR A 261 26.23 12.69 -11.36
CA TYR A 261 26.82 13.08 -12.64
C TYR A 261 26.09 14.25 -13.25
N ASN A 262 26.85 15.13 -13.93
CA ASN A 262 26.32 16.30 -14.58
C ASN A 262 25.64 15.94 -15.90
N ILE A 263 24.33 16.21 -15.99
CA ILE A 263 23.60 16.15 -17.25
C ILE A 263 23.47 17.54 -17.85
N ASN A 264 23.17 18.58 -17.02
CA ASN A 264 22.73 19.91 -17.45
C ASN A 264 21.46 19.89 -18.34
N ASN A 265 20.80 21.05 -18.55
CA ASN A 265 19.64 21.12 -19.40
C ASN A 265 19.44 22.53 -19.97
N ASN A 266 20.51 23.36 -20.05
CA ASN A 266 20.44 24.65 -20.72
C ASN A 266 20.18 24.54 -22.21
N GLY A 267 19.38 25.48 -22.74
CA GLY A 267 18.96 25.47 -24.13
C GLY A 267 17.46 25.53 -24.24
N HIS A 268 16.87 24.87 -25.24
CA HIS A 268 15.47 25.03 -25.50
C HIS A 268 14.79 23.78 -26.05
N MET A 269 13.46 23.71 -25.84
CA MET A 269 12.61 22.70 -26.42
C MET A 269 11.54 23.38 -27.25
N LEU A 270 11.28 22.86 -28.46
CA LEU A 270 10.15 23.24 -29.27
C LEU A 270 9.33 21.99 -29.54
N ARG A 271 8.04 21.99 -29.18
CA ARG A 271 7.14 20.88 -29.43
C ARG A 271 5.97 21.39 -30.24
N ILE A 272 5.69 20.73 -31.38
CA ILE A 272 4.55 21.02 -32.23
C ILE A 272 3.77 19.73 -32.31
N LEU A 273 2.49 19.75 -31.90
CA LEU A 273 1.70 18.55 -31.72
C LEU A 273 0.31 18.79 -32.27
N ASP A 274 -0.19 17.83 -33.07
CA ASP A 274 -1.52 17.85 -33.64
C ASP A 274 -2.16 16.51 -33.29
N HIS A 275 -3.38 16.51 -32.70
CA HIS A 275 -4.01 15.26 -32.34
C HIS A 275 -5.50 15.39 -32.20
N GLY A 276 -6.23 14.25 -32.18
CA GLY A 276 -7.67 14.33 -31.95
C GLY A 276 -8.35 13.04 -32.24
N ALA A 277 -9.69 13.10 -32.34
CA ALA A 277 -10.51 11.97 -32.67
C ALA A 277 -11.72 12.44 -33.44
N ILE A 278 -12.16 11.68 -34.46
CA ILE A 278 -13.26 12.04 -35.34
C ILE A 278 -14.05 10.81 -35.71
N SER A 279 -15.33 11.01 -36.14
CA SER A 279 -16.20 9.94 -36.61
C SER A 279 -16.53 10.14 -38.07
N MET A 280 -16.32 9.12 -38.90
CA MET A 280 -16.45 9.22 -40.34
C MET A 280 -17.66 8.44 -40.81
N GLY A 281 -18.86 9.00 -40.57
CA GLY A 281 -20.10 8.24 -40.73
C GLY A 281 -20.33 7.36 -39.53
N ASP A 282 -21.40 6.57 -39.56
CA ASP A 282 -21.86 5.78 -38.44
C ASP A 282 -20.87 4.69 -37.99
N ASN A 283 -20.24 3.97 -38.93
CA ASN A 283 -19.52 2.75 -38.61
C ASN A 283 -18.03 2.93 -38.38
N TRP A 284 -17.46 4.12 -38.65
CA TRP A 284 -16.03 4.33 -38.60
C TRP A 284 -15.65 5.47 -37.68
N ASP A 285 -14.65 5.27 -36.82
CA ASP A 285 -14.05 6.34 -36.04
C ASP A 285 -12.55 6.26 -36.25
N MET A 286 -11.84 7.35 -35.97
CA MET A 286 -10.40 7.35 -36.00
C MET A 286 -9.87 8.33 -34.98
N MET A 287 -8.80 7.95 -34.26
CA MET A 287 -8.00 8.90 -33.51
C MET A 287 -6.61 8.91 -34.12
N TYR A 288 -5.89 10.03 -33.97
CA TYR A 288 -4.71 10.31 -34.74
C TYR A 288 -3.78 11.20 -33.95
N VAL A 289 -2.48 11.15 -34.27
CA VAL A 289 -1.47 12.02 -33.69
C VAL A 289 -0.40 12.29 -34.72
N GLY A 290 0.11 13.53 -34.76
CA GLY A 290 1.36 13.88 -35.41
C GLY A 290 2.12 14.79 -34.49
N MET A 291 3.42 14.55 -34.30
CA MET A 291 4.20 15.37 -33.40
C MET A 291 5.62 15.54 -33.91
N TYR A 292 6.15 16.77 -33.74
CA TYR A 292 7.54 17.11 -33.91
C TYR A 292 8.01 17.64 -32.57
N GLN A 293 9.13 17.14 -32.05
CA GLN A 293 9.74 17.66 -30.85
C GLN A 293 11.22 17.82 -31.06
N ASP A 294 11.74 19.03 -30.77
CA ASP A 294 13.12 19.39 -30.94
C ASP A 294 13.65 19.79 -29.58
N ILE A 295 14.66 19.10 -29.03
CA ILE A 295 15.33 19.49 -27.80
C ILE A 295 16.75 19.80 -28.19
N ASN A 296 17.19 21.04 -27.95
CA ASN A 296 18.49 21.53 -28.32
C ASN A 296 19.18 21.98 -27.05
N TRP A 297 20.30 21.34 -26.69
CA TRP A 297 21.03 21.66 -25.49
C TRP A 297 22.46 22.02 -25.83
N ASP A 298 23.08 22.91 -25.03
CA ASP A 298 24.47 23.35 -25.17
C ASP A 298 25.50 22.23 -24.95
N ASN A 299 25.09 21.09 -24.37
CA ASN A 299 25.94 19.95 -24.12
C ASN A 299 25.84 18.89 -25.21
N ASP A 300 25.07 19.19 -26.29
CA ASP A 300 24.87 18.38 -27.48
C ASP A 300 24.05 17.11 -27.29
N ASN A 301 23.50 16.82 -26.11
CA ASN A 301 22.93 15.49 -25.86
C ASN A 301 21.42 15.43 -26.08
N GLY A 302 20.84 16.46 -26.74
CA GLY A 302 19.43 16.52 -27.10
C GLY A 302 18.98 15.55 -28.16
N THR A 303 17.68 15.57 -28.48
CA THR A 303 17.08 14.67 -29.45
C THR A 303 16.07 15.42 -30.29
N LYS A 304 15.85 14.93 -31.51
CA LYS A 304 14.90 15.49 -32.44
C LYS A 304 13.99 14.37 -32.89
N TRP A 305 12.69 14.48 -32.58
CA TRP A 305 11.74 13.39 -32.67
C TRP A 305 10.62 13.75 -33.62
N TRP A 306 10.33 12.84 -34.56
CA TRP A 306 9.16 12.89 -35.40
C TRP A 306 8.35 11.66 -35.09
N THR A 307 7.03 11.80 -34.87
CA THR A 307 6.20 10.63 -34.67
C THR A 307 4.83 10.87 -35.25
N VAL A 308 4.23 9.84 -35.86
CA VAL A 308 2.95 9.96 -36.53
C VAL A 308 2.20 8.65 -36.42
N GLY A 309 0.89 8.71 -36.08
CA GLY A 309 0.10 7.51 -35.90
C GLY A 309 -1.36 7.72 -36.17
N ILE A 310 -2.02 6.65 -36.65
CA ILE A 310 -3.46 6.66 -36.87
C ILE A 310 -4.04 5.39 -36.29
N ARG A 311 -5.29 5.49 -35.80
CA ARG A 311 -5.97 4.37 -35.17
C ARG A 311 -7.42 4.29 -35.62
N PRO A 312 -7.73 3.64 -36.75
CA PRO A 312 -9.11 3.43 -37.18
C PRO A 312 -9.85 2.39 -36.36
N MET A 313 -11.13 2.64 -36.07
CA MET A 313 -12.02 1.68 -35.45
C MET A 313 -13.19 1.43 -36.37
N TYR A 314 -13.58 0.16 -36.56
CA TYR A 314 -14.74 -0.24 -37.34
C TYR A 314 -15.73 -0.93 -36.41
N LYS A 315 -17.00 -0.49 -36.43
CA LYS A 315 -18.06 -1.08 -35.62
C LYS A 315 -18.80 -2.17 -36.37
N TRP A 316 -18.91 -3.38 -35.78
CA TRP A 316 -19.72 -4.45 -36.34
C TRP A 316 -21.12 -4.45 -35.75
N THR A 317 -21.19 -4.15 -34.45
CA THR A 317 -22.41 -4.12 -33.65
C THR A 317 -22.22 -2.93 -32.73
N PRO A 318 -23.19 -2.48 -31.94
CA PRO A 318 -22.97 -1.41 -30.96
C PRO A 318 -21.88 -1.66 -29.94
N ILE A 319 -21.58 -2.94 -29.60
CA ILE A 319 -20.64 -3.27 -28.55
C ILE A 319 -19.42 -4.04 -29.02
N MET A 320 -19.29 -4.40 -30.32
CA MET A 320 -18.14 -5.14 -30.83
C MET A 320 -17.51 -4.43 -32.00
N SER A 321 -16.18 -4.21 -31.93
CA SER A 321 -15.45 -3.44 -32.91
C SER A 321 -14.14 -4.10 -33.27
N THR A 322 -13.53 -3.65 -34.38
CA THR A 322 -12.18 -4.03 -34.77
C THR A 322 -11.37 -2.76 -34.78
N VAL A 323 -10.18 -2.78 -34.18
CA VAL A 323 -9.30 -1.64 -34.03
C VAL A 323 -8.02 -1.96 -34.79
N MET A 324 -7.53 -0.99 -35.58
CA MET A 324 -6.24 -1.06 -36.23
C MET A 324 -5.42 0.08 -35.66
N GLU A 325 -4.13 -0.13 -35.33
CA GLU A 325 -3.24 0.94 -34.95
C GLU A 325 -1.99 0.86 -35.81
N ILE A 326 -1.62 1.99 -36.45
CA ILE A 326 -0.42 2.10 -37.24
C ILE A 326 0.35 3.29 -36.67
N GLY A 327 1.60 3.08 -36.22
CA GLY A 327 2.43 4.14 -35.68
C GLY A 327 3.82 4.08 -36.25
N TYR A 328 4.49 5.24 -36.35
CA TYR A 328 5.85 5.37 -36.83
C TYR A 328 6.57 6.41 -35.99
N ASP A 329 7.78 6.07 -35.51
CA ASP A 329 8.68 6.95 -34.80
C ASP A 329 9.98 7.11 -35.58
N ASN A 330 10.54 8.33 -35.61
CA ASN A 330 11.90 8.58 -36.04
C ASN A 330 12.54 9.49 -35.00
N VAL A 331 13.64 9.06 -34.36
CA VAL A 331 14.34 9.84 -33.35
C VAL A 331 15.78 10.05 -33.78
N GLU A 332 16.15 11.32 -33.98
CA GLU A 332 17.47 11.75 -34.38
C GLU A 332 18.24 12.26 -33.17
N SER A 333 19.49 11.81 -33.01
CA SER A 333 20.42 12.26 -31.99
C SER A 333 21.00 13.61 -32.36
N GLN A 334 20.98 14.63 -31.46
CA GLN A 334 21.72 15.88 -31.69
C GLN A 334 23.21 15.63 -31.75
N ARG A 335 23.70 14.79 -30.81
CA ARG A 335 25.10 14.50 -30.59
C ARG A 335 25.81 13.77 -31.73
N THR A 336 25.13 12.80 -32.37
CA THR A 336 25.76 11.99 -33.40
C THR A 336 25.17 12.25 -34.79
N GLY A 337 23.91 12.73 -34.88
CA GLY A 337 23.18 12.94 -36.12
C GLY A 337 22.52 11.71 -36.69
N ASP A 338 22.72 10.55 -36.03
CA ASP A 338 22.14 9.27 -36.39
C ASP A 338 20.68 9.19 -36.03
N LYS A 339 19.95 8.21 -36.62
CA LYS A 339 18.53 8.12 -36.49
C LYS A 339 18.10 6.73 -36.13
N ASN A 340 17.24 6.64 -35.09
CA ASN A 340 16.58 5.45 -34.63
C ASN A 340 15.17 5.51 -35.15
N ASN A 341 14.63 4.40 -35.67
CA ASN A 341 13.28 4.43 -36.19
C ASN A 341 12.55 3.12 -36.02
N GLN A 342 11.23 3.20 -35.83
CA GLN A 342 10.42 2.04 -35.53
C GLN A 342 9.06 2.25 -36.16
N TYR A 343 8.44 1.19 -36.69
CA TYR A 343 7.03 1.21 -37.00
C TYR A 343 6.33 0.04 -36.37
N LYS A 344 5.05 0.26 -36.02
CA LYS A 344 4.24 -0.69 -35.30
C LYS A 344 2.92 -0.86 -36.03
N ILE A 345 2.50 -2.11 -36.25
CA ILE A 345 1.21 -2.44 -36.84
C ILE A 345 0.49 -3.34 -35.85
N THR A 346 -0.70 -2.93 -35.36
CA THR A 346 -1.48 -3.76 -34.44
C THR A 346 -2.87 -3.90 -34.95
N LEU A 347 -3.40 -5.13 -34.95
CA LEU A 347 -4.78 -5.42 -35.28
C LEU A 347 -5.40 -6.04 -34.04
N ALA A 348 -6.59 -5.56 -33.64
CA ALA A 348 -7.25 -6.06 -32.46
C ALA A 348 -8.75 -6.11 -32.64
N GLN A 349 -9.39 -7.06 -31.94
CA GLN A 349 -10.82 -7.20 -31.88
C GLN A 349 -11.20 -6.84 -30.47
N GLN A 350 -12.23 -6.01 -30.25
CA GLN A 350 -12.59 -5.64 -28.90
C GLN A 350 -14.07 -5.54 -28.68
N TRP A 351 -14.46 -5.70 -27.40
CA TRP A 351 -15.82 -5.60 -26.92
C TRP A 351 -15.83 -4.46 -25.94
N GLN A 352 -16.80 -3.54 -26.05
CA GLN A 352 -16.73 -2.24 -25.44
C GLN A 352 -18.09 -1.75 -24.98
N ALA A 353 -18.12 -0.93 -23.91
CA ALA A 353 -19.33 -0.41 -23.30
C ALA A 353 -19.98 0.76 -24.04
N GLY A 354 -20.47 0.53 -25.27
CA GLY A 354 -21.12 1.55 -26.10
C GLY A 354 -20.32 1.82 -27.34
N ASP A 355 -20.93 2.53 -28.31
CA ASP A 355 -20.45 2.69 -29.67
C ASP A 355 -19.16 3.50 -29.83
N SER A 356 -19.02 4.62 -29.10
CA SER A 356 -17.92 5.57 -29.18
C SER A 356 -16.51 4.99 -29.05
N ILE A 357 -15.51 5.62 -29.71
CA ILE A 357 -14.11 5.22 -29.61
C ILE A 357 -13.52 5.49 -28.22
N TRP A 358 -14.22 6.32 -27.43
CA TRP A 358 -13.85 6.65 -26.06
C TRP A 358 -14.58 5.80 -25.03
N SER A 359 -15.48 4.88 -25.43
CA SER A 359 -16.22 4.06 -24.46
C SER A 359 -15.35 3.04 -23.75
N ARG A 360 -15.41 3.00 -22.41
CA ARG A 360 -14.66 2.06 -21.61
C ARG A 360 -15.65 1.45 -20.64
N PRO A 361 -15.44 0.28 -20.04
CA PRO A 361 -14.38 -0.70 -20.33
C PRO A 361 -14.31 -1.19 -21.75
N ALA A 362 -13.13 -1.68 -22.14
CA ALA A 362 -12.93 -2.40 -23.38
C ALA A 362 -12.10 -3.64 -23.09
N ILE A 363 -12.56 -4.81 -23.57
CA ILE A 363 -11.83 -6.07 -23.49
C ILE A 363 -11.34 -6.37 -24.89
N ARG A 364 -10.02 -6.61 -25.05
CA ARG A 364 -9.35 -6.73 -26.33
C ARG A 364 -8.70 -8.08 -26.49
N VAL A 365 -8.67 -8.59 -27.74
CA VAL A 365 -7.76 -9.64 -28.18
C VAL A 365 -6.96 -9.02 -29.31
N PHE A 366 -5.61 -9.08 -29.26
CA PHE A 366 -4.79 -8.34 -30.20
C PHE A 366 -3.62 -9.16 -30.75
N ALA A 367 -3.08 -8.69 -31.89
CA ALA A 367 -1.81 -9.13 -32.43
C ALA A 367 -1.05 -7.90 -32.91
N THR A 368 0.20 -7.74 -32.45
CA THR A 368 1.06 -6.58 -32.67
C THR A 368 2.28 -7.04 -33.41
N TYR A 369 2.71 -6.30 -34.44
CA TYR A 369 3.96 -6.49 -35.14
C TYR A 369 4.76 -5.20 -35.00
N ALA A 370 6.08 -5.30 -34.75
CA ALA A 370 6.93 -4.16 -34.63
C ALA A 370 8.25 -4.40 -35.36
N LYS A 371 8.69 -3.42 -36.19
CA LYS A 371 9.97 -3.45 -36.85
C LYS A 371 10.73 -2.22 -36.39
N TRP A 372 11.98 -2.38 -35.95
CA TRP A 372 12.80 -1.26 -35.55
C TRP A 372 14.17 -1.36 -36.18
N ASP A 373 14.87 -0.23 -36.25
CA ASP A 373 16.22 -0.13 -36.71
C ASP A 373 16.80 1.03 -35.91
N GLU A 374 17.78 0.74 -35.04
CA GLU A 374 18.38 1.69 -34.12
C GLU A 374 19.87 1.73 -34.31
N LYS A 375 20.42 2.95 -34.53
CA LYS A 375 21.81 3.18 -34.88
C LYS A 375 22.52 4.03 -33.86
N TRP A 376 21.83 4.43 -32.78
CA TRP A 376 22.45 5.11 -31.68
C TRP A 376 21.75 4.70 -30.40
N GLY A 377 22.46 4.72 -29.27
CA GLY A 377 21.85 4.47 -27.98
C GLY A 377 22.49 5.35 -26.96
N TYR A 378 22.15 5.15 -25.68
CA TYR A 378 22.76 5.88 -24.59
C TYR A 378 23.82 5.01 -23.95
N ASP A 379 25.02 5.55 -23.71
CA ASP A 379 26.05 4.83 -22.98
C ASP A 379 25.73 4.82 -21.49
N TYR A 380 25.51 3.61 -20.96
CA TYR A 380 25.35 3.33 -19.55
C TYR A 380 26.31 2.22 -19.18
N THR A 381 27.39 2.02 -19.96
CA THR A 381 28.43 1.06 -19.58
C THR A 381 29.22 1.51 -18.36
N GLY A 382 29.54 0.57 -17.45
CA GLY A 382 30.17 0.89 -16.18
C GLY A 382 29.31 1.71 -15.26
N ASN A 383 29.92 2.73 -14.64
CA ASN A 383 29.21 3.68 -13.81
C ASN A 383 29.78 5.06 -14.10
N ALA A 384 29.15 6.11 -13.56
CA ALA A 384 29.55 7.49 -13.80
C ALA A 384 30.99 7.85 -13.44
N ASP A 385 31.57 7.25 -12.36
CA ASP A 385 32.96 7.45 -12.00
C ASP A 385 33.93 6.88 -13.03
N ASN A 386 33.67 5.66 -13.54
CA ASN A 386 34.61 5.01 -14.44
C ASN A 386 34.33 5.24 -15.92
N ASN A 387 33.17 5.83 -16.29
CA ASN A 387 32.84 6.13 -17.67
C ASN A 387 32.51 7.62 -17.87
N ALA A 388 33.34 8.31 -18.67
CA ALA A 388 33.16 9.70 -19.01
C ALA A 388 32.06 9.96 -20.04
N ASN A 389 31.55 8.91 -20.73
CA ASN A 389 30.45 9.03 -21.67
C ASN A 389 29.12 8.67 -21.02
N PHE A 390 29.06 8.47 -19.69
CA PHE A 390 27.84 8.06 -19.01
C PHE A 390 26.64 9.00 -19.27
N GLY A 391 25.51 8.40 -19.72
CA GLY A 391 24.29 9.10 -20.06
C GLY A 391 24.32 9.81 -21.39
N LYS A 392 25.37 9.61 -22.21
CA LYS A 392 25.52 10.32 -23.47
C LYS A 392 25.13 9.46 -24.65
N ALA A 393 24.50 10.06 -25.66
CA ALA A 393 24.19 9.39 -26.91
C ALA A 393 25.44 8.98 -27.69
N VAL A 394 25.54 7.71 -28.11
CA VAL A 394 26.69 7.13 -28.78
C VAL A 394 26.19 6.30 -29.96
N PRO A 395 26.96 6.11 -31.04
CA PRO A 395 26.66 5.13 -32.09
C PRO A 395 26.40 3.72 -31.60
N ALA A 396 25.64 2.92 -32.37
CA ALA A 396 25.31 1.55 -32.05
C ALA A 396 26.52 0.64 -31.88
N ASP A 397 27.58 0.84 -32.69
CA ASP A 397 28.77 0.03 -32.74
C ASP A 397 29.92 0.59 -31.90
N PHE A 398 29.67 1.62 -31.06
CA PHE A 398 30.68 2.34 -30.29
C PHE A 398 31.62 1.45 -29.46
N ASN A 399 32.94 1.55 -29.72
CA ASN A 399 34.00 0.72 -29.16
C ASN A 399 33.90 -0.78 -29.48
N GLY A 400 33.05 -1.19 -30.43
CA GLY A 400 32.73 -2.59 -30.66
C GLY A 400 31.70 -3.14 -29.71
N GLY A 401 31.05 -2.27 -28.91
CA GLY A 401 29.88 -2.59 -28.10
C GLY A 401 28.61 -2.61 -28.90
N SER A 402 27.47 -2.76 -28.21
CA SER A 402 26.15 -2.71 -28.83
C SER A 402 25.25 -1.76 -28.07
N PHE A 403 24.84 -0.66 -28.70
CA PHE A 403 23.99 0.35 -28.10
C PHE A 403 22.71 0.52 -28.89
N GLY A 404 21.56 0.61 -28.20
CA GLY A 404 20.25 0.53 -28.86
C GLY A 404 19.87 -0.91 -29.17
N ARG A 405 18.69 -1.13 -29.76
CA ARG A 405 18.17 -2.47 -29.94
C ARG A 405 18.49 -3.05 -31.32
N GLY A 406 19.43 -2.44 -32.06
CA GLY A 406 19.86 -2.84 -33.39
C GLY A 406 18.80 -2.87 -34.47
N ASP A 407 18.94 -3.78 -35.45
CA ASP A 407 18.03 -3.93 -36.57
C ASP A 407 17.32 -5.27 -36.39
N SER A 408 15.99 -5.24 -36.07
CA SER A 408 15.25 -6.48 -35.84
C SER A 408 13.75 -6.24 -35.97
N ASP A 409 12.94 -7.30 -35.94
CA ASP A 409 11.49 -7.26 -35.83
C ASP A 409 11.04 -8.31 -34.85
N GLU A 410 9.79 -8.18 -34.38
CA GLU A 410 9.20 -9.10 -33.44
C GLU A 410 7.68 -8.94 -33.51
N TRP A 411 6.92 -9.90 -32.99
CA TRP A 411 5.49 -9.82 -32.90
C TRP A 411 5.01 -10.31 -31.54
N THR A 412 3.89 -9.76 -31.06
CA THR A 412 3.33 -10.11 -29.77
C THR A 412 1.85 -10.29 -29.95
N PHE A 413 1.20 -11.01 -29.03
CA PHE A 413 -0.22 -11.25 -29.11
C PHE A 413 -0.74 -11.50 -27.71
N GLY A 414 -2.04 -11.26 -27.47
CA GLY A 414 -2.55 -11.44 -26.14
C GLY A 414 -3.94 -10.92 -25.98
N ALA A 415 -4.31 -10.65 -24.73
CA ALA A 415 -5.61 -10.16 -24.37
C ALA A 415 -5.45 -9.13 -23.27
N GLN A 416 -6.28 -8.08 -23.28
CA GLN A 416 -6.07 -6.94 -22.41
C GLN A 416 -7.42 -6.34 -22.05
N MET A 417 -7.54 -5.76 -20.85
CA MET A 417 -8.65 -4.90 -20.49
C MET A 417 -8.12 -3.49 -20.27
N GLU A 418 -8.89 -2.48 -20.71
CA GLU A 418 -8.62 -1.07 -20.45
C GLU A 418 -9.90 -0.48 -19.91
N ILE A 419 -9.88 0.18 -18.74
CA ILE A 419 -11.08 0.75 -18.16
C ILE A 419 -10.74 2.06 -17.47
N TRP A 420 -11.65 3.04 -17.58
CA TRP A 420 -11.75 4.14 -16.64
C TRP A 420 -13.22 4.17 -16.31
N TRP A 421 -13.59 4.65 -15.12
CA TRP A 421 -14.95 4.66 -14.64
C TRP A 421 -15.13 5.91 -13.76
N VAL B 1 -21.60 0.59 2.83
CA VAL B 1 -20.18 1.00 3.07
C VAL B 1 -20.15 2.46 3.43
N ASP B 2 -19.43 2.75 4.51
CA ASP B 2 -19.36 4.01 5.16
C ASP B 2 -17.91 4.40 4.98
N PHE B 3 -17.64 5.66 4.60
CA PHE B 3 -16.32 6.10 4.24
C PHE B 3 -16.05 7.29 5.12
N HIS B 4 -15.01 7.18 5.96
CA HIS B 4 -14.67 8.16 6.96
C HIS B 4 -13.16 8.30 7.01
N GLY B 5 -12.63 9.35 7.66
CA GLY B 5 -11.18 9.41 7.81
C GLY B 5 -10.64 10.74 8.25
N TYR B 6 -9.34 10.94 7.99
CA TYR B 6 -8.62 12.15 8.32
C TYR B 6 -7.60 12.36 7.22
N ALA B 7 -7.36 13.62 6.82
CA ALA B 7 -6.26 13.91 5.93
C ALA B 7 -5.77 15.34 6.08
N ARG B 8 -4.48 15.55 5.77
CA ARG B 8 -3.90 16.87 5.69
C ARG B 8 -2.85 16.86 4.61
N SER B 9 -2.72 17.96 3.85
CA SER B 9 -1.73 18.08 2.78
C SER B 9 -1.59 19.55 2.44
N GLY B 10 -0.49 19.97 1.79
CA GLY B 10 -0.32 21.36 1.48
C GLY B 10 0.94 21.63 0.69
N ILE B 11 1.37 22.90 0.70
CA ILE B 11 2.62 23.34 0.14
C ILE B 11 3.10 24.52 0.96
N GLY B 12 4.40 24.57 1.31
CA GLY B 12 4.94 25.70 2.05
C GLY B 12 6.35 26.03 1.68
N TRP B 13 6.85 27.12 2.28
CA TRP B 13 8.15 27.68 2.01
C TRP B 13 8.75 28.14 3.32
N THR B 14 10.09 28.30 3.33
CA THR B 14 10.83 28.85 4.44
C THR B 14 11.41 30.18 4.00
N GLY B 15 11.44 31.20 4.88
CA GLY B 15 11.81 32.58 4.60
C GLY B 15 13.24 32.78 4.18
N SER B 16 14.13 31.87 4.62
CA SER B 16 15.53 31.84 4.22
C SER B 16 15.76 31.00 2.97
N GLY B 17 14.69 30.41 2.40
CA GLY B 17 14.76 29.62 1.19
C GLY B 17 14.44 28.17 1.41
N GLY B 18 14.11 27.45 0.31
CA GLY B 18 13.73 26.05 0.40
C GLY B 18 12.27 25.81 0.71
N GLU B 19 11.95 24.51 0.83
CA GLU B 19 10.71 23.92 1.28
C GLU B 19 10.33 24.31 2.71
N GLN B 20 9.19 23.80 3.22
CA GLN B 20 8.76 24.15 4.56
C GLN B 20 9.48 23.35 5.64
N GLN B 21 10.17 24.03 6.57
CA GLN B 21 10.71 23.38 7.74
C GLN B 21 9.69 23.35 8.87
N CYS B 22 9.80 22.35 9.78
CA CYS B 22 8.86 22.14 10.86
C CYS B 22 9.57 22.34 12.18
N PHE B 23 8.97 23.11 13.09
CA PHE B 23 9.61 23.59 14.30
C PHE B 23 9.10 22.85 15.52
N GLN B 24 10.01 22.15 16.23
CA GLN B 24 9.70 21.43 17.43
C GLN B 24 10.88 21.57 18.35
N THR B 25 10.65 21.91 19.64
CA THR B 25 11.69 22.04 20.66
C THR B 25 12.42 20.74 20.92
N THR B 26 13.76 20.74 20.93
CA THR B 26 14.55 19.55 21.27
C THR B 26 14.27 19.08 22.68
N GLY B 27 13.70 17.85 22.81
CA GLY B 27 13.27 17.28 24.08
C GLY B 27 11.78 17.38 24.33
N ALA B 28 11.02 18.09 23.47
CA ALA B 28 9.56 18.12 23.55
C ALA B 28 8.96 17.02 22.68
N GLN B 29 7.77 16.52 23.08
CA GLN B 29 7.17 15.35 22.45
C GLN B 29 6.03 15.71 21.49
N SER B 30 5.87 17.00 21.16
CA SER B 30 4.81 17.46 20.29
C SER B 30 5.18 18.81 19.71
N LYS B 31 4.37 19.33 18.76
CA LYS B 31 4.64 20.62 18.14
C LYS B 31 3.33 21.35 17.93
N TYR B 32 3.27 22.67 18.25
CA TYR B 32 2.10 23.52 17.96
C TYR B 32 1.81 23.58 16.48
N ARG B 33 0.72 22.93 16.04
CA ARG B 33 0.68 22.39 14.69
C ARG B 33 -0.04 23.23 13.66
N LEU B 34 -0.67 24.38 13.99
CA LEU B 34 -1.20 25.24 12.95
C LEU B 34 -0.08 25.84 12.10
N GLY B 35 -0.01 25.50 10.79
CA GLY B 35 1.05 25.98 9.91
C GLY B 35 2.43 25.46 10.26
N ASN B 36 2.51 24.20 10.72
CA ASN B 36 3.72 23.61 11.24
C ASN B 36 3.67 22.09 11.07
N GLU B 37 3.06 21.65 9.95
CA GLU B 37 2.94 20.27 9.55
C GLU B 37 3.55 20.17 8.17
N CYS B 38 4.46 19.21 7.96
CA CYS B 38 5.30 19.15 6.77
C CYS B 38 5.04 17.86 6.03
N GLU B 39 3.99 17.13 6.43
CA GLU B 39 3.72 15.78 6.01
C GLU B 39 2.37 15.74 5.31
N THR B 40 2.26 14.99 4.19
CA THR B 40 0.94 14.62 3.66
C THR B 40 0.53 13.36 4.37
N TYR B 41 -0.54 13.44 5.17
CA TYR B 41 -0.98 12.35 6.00
C TYR B 41 -2.41 12.05 5.62
N ALA B 42 -2.77 10.76 5.46
CA ALA B 42 -4.13 10.37 5.21
C ALA B 42 -4.42 9.05 5.90
N GLU B 43 -5.58 8.98 6.58
CA GLU B 43 -6.14 7.76 7.14
C GLU B 43 -7.46 7.55 6.46
N LEU B 44 -7.65 6.38 5.82
CA LEU B 44 -8.81 6.08 5.03
C LEU B 44 -9.52 4.89 5.65
N LYS B 45 -10.76 5.09 6.13
CA LYS B 45 -11.50 4.07 6.83
C LYS B 45 -12.73 3.69 6.02
N LEU B 46 -12.88 2.38 5.77
CA LEU B 46 -14.06 1.84 5.13
C LEU B 46 -14.77 0.96 6.14
N GLY B 47 -15.94 1.42 6.62
CA GLY B 47 -16.74 0.72 7.61
C GLY B 47 -17.99 0.15 7.00
N GLN B 48 -18.62 -0.81 7.67
CA GLN B 48 -19.94 -1.26 7.28
C GLN B 48 -20.67 -1.91 8.44
N GLU B 49 -21.99 -1.64 8.61
CA GLU B 49 -22.83 -2.46 9.49
C GLU B 49 -23.31 -3.66 8.68
N VAL B 50 -22.70 -4.84 8.92
CA VAL B 50 -22.80 -5.99 8.03
C VAL B 50 -23.89 -6.95 8.44
N TRP B 51 -24.40 -6.83 9.67
CA TRP B 51 -25.56 -7.58 10.09
C TRP B 51 -26.28 -6.77 11.14
N LYS B 52 -27.62 -6.72 11.08
CA LYS B 52 -28.41 -6.06 12.07
C LYS B 52 -29.69 -6.83 12.29
N GLU B 53 -30.00 -7.16 13.55
CA GLU B 53 -31.27 -7.76 13.90
C GLU B 53 -31.75 -7.11 15.18
N GLY B 54 -32.89 -6.39 15.12
CA GLY B 54 -33.36 -5.58 16.24
C GLY B 54 -32.39 -4.53 16.73
N ASP B 55 -32.12 -4.54 18.05
CA ASP B 55 -31.14 -3.71 18.71
C ASP B 55 -29.70 -4.11 18.36
N LYS B 56 -29.47 -5.43 18.23
CA LYS B 56 -28.19 -6.03 17.90
C LYS B 56 -27.65 -5.67 16.54
N SER B 57 -26.31 -5.58 16.46
CA SER B 57 -25.65 -5.50 15.18
C SER B 57 -24.19 -5.86 15.29
N PHE B 58 -23.59 -6.19 14.14
CA PHE B 58 -22.17 -6.36 13.98
C PHE B 58 -21.72 -5.28 13.03
N TYR B 59 -20.75 -4.47 13.46
CA TYR B 59 -20.17 -3.41 12.65
C TYR B 59 -18.73 -3.76 12.42
N PHE B 60 -18.27 -3.63 11.17
CA PHE B 60 -16.92 -3.94 10.76
C PHE B 60 -16.29 -2.63 10.37
N ASP B 61 -15.00 -2.45 10.72
CA ASP B 61 -14.30 -1.22 10.52
C ASP B 61 -12.87 -1.53 10.10
N THR B 62 -12.23 -0.59 9.38
CA THR B 62 -10.89 -0.72 8.81
C THR B 62 -10.19 0.62 8.92
N ASN B 63 -8.85 0.64 8.85
CA ASN B 63 -8.08 1.85 8.64
C ASN B 63 -6.76 1.51 7.97
N VAL B 64 -6.44 2.17 6.85
CA VAL B 64 -5.14 2.11 6.22
C VAL B 64 -4.59 3.53 6.10
N ALA B 65 -3.33 3.73 6.53
CA ALA B 65 -2.75 5.05 6.71
C ALA B 65 -1.54 5.26 5.82
N TYR B 66 -1.46 6.45 5.19
CA TYR B 66 -0.40 6.84 4.28
C TYR B 66 0.26 8.08 4.83
N SER B 67 1.61 8.13 4.89
CA SER B 67 2.33 9.32 5.33
C SER B 67 3.47 9.59 4.38
N VAL B 68 3.40 10.67 3.57
CA VAL B 68 4.38 10.93 2.52
C VAL B 68 4.84 12.38 2.56
N ALA B 69 5.98 12.66 1.89
CA ALA B 69 6.81 13.82 2.13
C ALA B 69 6.35 15.14 1.52
N GLN B 70 5.41 15.12 0.57
CA GLN B 70 4.89 16.27 -0.17
C GLN B 70 5.94 17.03 -0.96
N GLN B 71 6.80 16.27 -1.66
CA GLN B 71 7.87 16.80 -2.48
C GLN B 71 7.64 16.50 -3.96
N ASN B 72 6.86 15.46 -4.33
CA ASN B 72 6.63 15.09 -5.72
C ASN B 72 5.24 14.50 -5.92
N ASP B 73 4.76 14.37 -7.19
CA ASP B 73 3.57 13.59 -7.51
C ASP B 73 3.73 12.11 -7.14
N TRP B 74 4.70 11.40 -7.75
CA TRP B 74 4.88 9.99 -7.52
C TRP B 74 5.71 9.77 -6.27
N GLU B 75 5.02 9.58 -5.13
CA GLU B 75 5.65 9.25 -3.88
C GLU B 75 5.16 7.87 -3.52
N ALA B 76 6.04 6.88 -3.74
CA ALA B 76 5.93 5.51 -3.28
C ALA B 76 6.04 5.44 -1.76
N THR B 77 5.32 4.51 -1.10
CA THR B 77 5.38 4.43 0.35
C THR B 77 4.85 3.10 0.83
N ASP B 78 5.36 2.61 1.97
CA ASP B 78 4.78 1.59 2.79
C ASP B 78 3.48 2.08 3.48
N PRO B 79 2.27 1.63 3.19
CA PRO B 79 1.10 2.03 3.96
C PRO B 79 1.04 1.30 5.28
N ALA B 80 0.63 1.99 6.35
CA ALA B 80 0.48 1.36 7.65
C ALA B 80 -0.92 0.79 7.80
N PHE B 81 -1.02 -0.54 7.98
CA PHE B 81 -2.28 -1.22 8.24
C PHE B 81 -2.64 -1.10 9.72
N ARG B 82 -3.12 0.10 10.11
CA ARG B 82 -3.38 0.45 11.49
C ARG B 82 -4.53 -0.32 12.14
N GLU B 83 -5.66 -0.52 11.45
CA GLU B 83 -6.85 -0.98 12.15
C GLU B 83 -7.75 -1.83 11.27
N ALA B 84 -8.45 -2.79 11.90
CA ALA B 84 -9.33 -3.76 11.28
C ALA B 84 -9.98 -4.59 12.38
N ASN B 85 -11.25 -4.30 12.70
CA ASN B 85 -11.91 -4.88 13.84
C ASN B 85 -13.39 -5.09 13.60
N VAL B 86 -14.03 -5.97 14.38
CA VAL B 86 -15.47 -6.12 14.36
C VAL B 86 -16.01 -5.84 15.75
N GLN B 87 -17.13 -5.11 15.82
CA GLN B 87 -17.77 -4.66 17.03
C GLN B 87 -19.17 -5.23 17.11
N GLY B 88 -19.45 -6.06 18.13
CA GLY B 88 -20.73 -6.71 18.34
C GLY B 88 -21.53 -6.02 19.41
N LYS B 89 -22.56 -5.28 19.01
CA LYS B 89 -23.29 -4.37 19.88
C LYS B 89 -24.57 -5.02 20.38
N ASN B 90 -24.82 -5.02 21.72
CA ASN B 90 -26.03 -5.53 22.37
C ASN B 90 -26.22 -7.03 22.29
N LEU B 91 -25.14 -7.78 22.02
CA LEU B 91 -25.17 -9.24 21.91
C LEU B 91 -25.38 -9.95 23.23
N ILE B 92 -24.72 -9.48 24.31
CA ILE B 92 -24.76 -10.13 25.60
C ILE B 92 -26.05 -9.82 26.34
N GLU B 93 -26.81 -10.88 26.67
CA GLU B 93 -28.19 -10.86 27.12
C GLU B 93 -28.51 -10.05 28.37
N TRP B 94 -27.66 -10.15 29.41
CA TRP B 94 -27.88 -9.47 30.68
C TRP B 94 -26.93 -8.31 30.90
N LEU B 95 -26.16 -7.91 29.87
CA LEU B 95 -25.35 -6.70 29.90
C LEU B 95 -25.82 -5.73 28.81
N PRO B 96 -26.98 -5.09 28.92
CA PRO B 96 -27.56 -4.32 27.82
C PRO B 96 -26.78 -3.04 27.56
N GLY B 97 -26.61 -2.67 26.28
CA GLY B 97 -25.81 -1.50 25.88
C GLY B 97 -24.32 -1.77 25.79
N SER B 98 -23.88 -3.01 26.06
CA SER B 98 -22.48 -3.38 25.96
C SER B 98 -22.07 -3.81 24.56
N THR B 99 -20.78 -3.63 24.24
CA THR B 99 -20.19 -3.97 22.96
C THR B 99 -18.99 -4.86 23.17
N ILE B 100 -18.94 -6.05 22.54
CA ILE B 100 -17.73 -6.86 22.49
C ILE B 100 -16.99 -6.58 21.20
N TRP B 101 -15.66 -6.68 21.20
CA TRP B 101 -14.88 -6.38 20.02
C TRP B 101 -13.58 -7.17 20.00
N ALA B 102 -13.02 -7.38 18.79
CA ALA B 102 -11.70 -7.97 18.64
C ALA B 102 -11.09 -7.54 17.32
N GLY B 103 -9.73 -7.49 17.27
CA GLY B 103 -8.95 -7.11 16.09
C GLY B 103 -8.10 -5.91 16.38
N LYS B 104 -7.34 -5.43 15.37
CA LYS B 104 -6.64 -4.17 15.47
C LYS B 104 -7.59 -2.98 15.54
N ARG B 105 -7.44 -2.11 16.55
CA ARG B 105 -8.43 -1.07 16.78
C ARG B 105 -7.83 0.18 17.39
N PHE B 106 -8.35 1.35 16.97
CA PHE B 106 -8.21 2.59 17.72
C PHE B 106 -9.17 2.60 18.91
N TYR B 107 -8.64 2.49 20.13
CA TYR B 107 -9.45 2.27 21.31
C TYR B 107 -9.28 3.43 22.26
N GLN B 108 -10.37 4.22 22.44
CA GLN B 108 -10.51 5.25 23.46
C GLN B 108 -9.35 6.21 23.56
N ARG B 109 -8.99 6.82 22.40
CA ARG B 109 -7.86 7.73 22.29
C ARG B 109 -8.24 9.15 22.63
N HIS B 110 -7.54 9.78 23.58
CA HIS B 110 -7.83 11.15 23.97
C HIS B 110 -6.68 12.05 23.55
N ASP B 111 -6.95 13.13 22.78
CA ASP B 111 -5.94 14.03 22.28
C ASP B 111 -6.14 15.50 22.65
N VAL B 112 -5.05 16.28 22.48
CA VAL B 112 -5.12 17.71 22.41
C VAL B 112 -4.84 18.12 20.97
N HIS B 113 -5.90 18.53 20.22
CA HIS B 113 -5.82 18.77 18.78
C HIS B 113 -4.81 19.81 18.34
N MET B 114 -4.61 20.91 19.09
CA MET B 114 -3.72 21.98 18.66
C MET B 114 -2.23 21.67 18.74
N ILE B 115 -1.83 20.59 19.45
CA ILE B 115 -0.43 20.14 19.47
C ILE B 115 -0.27 18.74 18.90
N ASP B 116 -1.35 18.12 18.37
CA ASP B 116 -1.36 16.74 17.84
C ASP B 116 -0.90 15.70 18.87
N PHE B 117 -1.37 15.83 20.13
CA PHE B 117 -0.82 15.06 21.23
C PHE B 117 -1.88 14.18 21.85
N TYR B 118 -1.80 12.87 21.54
CA TYR B 118 -2.49 11.82 22.27
C TYR B 118 -1.85 11.65 23.64
N TYR B 119 -2.63 11.82 24.72
CA TYR B 119 -2.12 11.69 26.08
C TYR B 119 -2.58 10.38 26.72
N TRP B 120 -3.58 9.73 26.11
CA TRP B 120 -4.00 8.41 26.52
C TRP B 120 -4.34 7.67 25.24
N ASP B 121 -3.71 6.50 25.03
CA ASP B 121 -3.78 5.78 23.78
C ASP B 121 -3.13 4.41 23.99
N ILE B 122 -3.95 3.35 23.95
CA ILE B 122 -3.51 1.97 24.12
C ILE B 122 -3.84 1.17 22.86
N SER B 123 -4.02 1.87 21.72
CA SER B 123 -4.39 1.29 20.44
C SER B 123 -3.44 0.23 19.91
N GLY B 124 -3.99 -0.75 19.17
CA GLY B 124 -3.19 -1.86 18.70
C GLY B 124 -4.05 -3.07 18.42
N PRO B 125 -3.43 -4.21 18.14
CA PRO B 125 -4.07 -5.52 18.24
C PRO B 125 -4.69 -5.79 19.59
N GLY B 126 -5.98 -6.13 19.68
CA GLY B 126 -6.53 -6.47 20.97
C GLY B 126 -7.91 -7.05 20.92
N ALA B 127 -8.54 -7.11 22.09
CA ALA B 127 -9.92 -7.51 22.23
C ALA B 127 -10.47 -6.93 23.51
N GLY B 128 -11.80 -6.77 23.60
CA GLY B 128 -12.35 -6.18 24.81
C GLY B 128 -13.84 -6.21 24.87
N LEU B 129 -14.36 -5.65 25.97
CA LEU B 129 -15.76 -5.54 26.27
C LEU B 129 -15.97 -4.15 26.84
N GLU B 130 -16.78 -3.31 26.18
CA GLU B 130 -16.89 -1.92 26.55
C GLU B 130 -18.33 -1.50 26.74
N ASN B 131 -18.53 -0.38 27.48
CA ASN B 131 -19.82 0.22 27.77
C ASN B 131 -20.73 -0.68 28.60
N ILE B 132 -20.18 -1.37 29.62
CA ILE B 132 -20.96 -2.13 30.57
C ILE B 132 -21.58 -1.16 31.55
N ASP B 133 -22.91 -1.00 31.55
CA ASP B 133 -23.56 -0.06 32.43
C ASP B 133 -23.57 -0.55 33.88
N VAL B 134 -23.08 0.28 34.82
CA VAL B 134 -23.05 -0.04 36.23
C VAL B 134 -23.97 0.90 37.00
N GLY B 135 -24.83 1.66 36.29
CA GLY B 135 -25.92 2.44 36.84
C GLY B 135 -25.59 3.86 37.21
N PHE B 136 -24.32 4.13 37.57
CA PHE B 136 -23.85 5.47 37.91
C PHE B 136 -22.76 5.91 36.94
N GLY B 137 -22.51 5.10 35.89
CA GLY B 137 -21.40 5.28 34.98
C GLY B 137 -21.28 4.03 34.17
N LYS B 138 -20.28 3.97 33.27
CA LYS B 138 -20.07 2.86 32.39
C LYS B 138 -18.66 2.32 32.51
N LEU B 139 -18.54 0.99 32.58
CA LEU B 139 -17.29 0.28 32.73
C LEU B 139 -16.85 -0.29 31.40
N SER B 140 -15.55 -0.15 31.07
CA SER B 140 -14.98 -0.69 29.85
C SER B 140 -13.70 -1.41 30.20
N LEU B 141 -13.42 -2.52 29.50
CA LEU B 141 -12.32 -3.42 29.79
C LEU B 141 -11.70 -3.90 28.50
N ALA B 142 -10.37 -3.91 28.39
CA ALA B 142 -9.70 -4.36 27.19
C ALA B 142 -8.33 -4.95 27.47
N ALA B 143 -7.81 -5.73 26.51
CA ALA B 143 -6.45 -6.19 26.52
C ALA B 143 -5.86 -5.93 25.15
N THR B 144 -4.69 -5.26 25.08
CA THR B 144 -4.05 -4.88 23.83
C THR B 144 -2.57 -5.23 23.88
N ARG B 145 -1.90 -5.26 22.70
CA ARG B 145 -0.50 -5.60 22.57
C ARG B 145 0.30 -4.49 21.91
N SER B 146 1.56 -4.35 22.36
CA SER B 146 2.60 -3.55 21.72
C SER B 146 3.84 -4.42 21.76
N SER B 147 4.82 -4.24 20.85
CA SER B 147 6.02 -5.09 20.88
C SER B 147 7.25 -4.26 20.58
N GLU B 148 8.29 -4.46 21.39
CA GLU B 148 9.57 -3.81 21.23
C GLU B 148 10.42 -4.63 20.27
N ALA B 149 11.22 -3.96 19.41
CA ALA B 149 11.91 -4.58 18.30
C ALA B 149 13.09 -5.47 18.69
N GLY B 150 13.51 -5.40 19.97
CA GLY B 150 14.48 -6.34 20.49
C GLY B 150 14.32 -6.42 21.98
N GLY B 151 15.45 -6.55 22.69
CA GLY B 151 15.49 -6.47 24.15
C GLY B 151 15.45 -7.78 24.87
N SER B 152 15.27 -8.90 24.14
CA SER B 152 15.17 -10.23 24.72
C SER B 152 16.30 -11.12 24.21
N SER B 153 16.91 -11.93 25.10
CA SER B 153 17.97 -12.88 24.76
C SER B 153 17.56 -14.28 25.13
N SER B 154 18.01 -15.29 24.35
CA SER B 154 17.65 -16.68 24.52
C SER B 154 18.63 -17.43 25.40
N PHE B 155 19.72 -16.79 25.85
CA PHE B 155 20.69 -17.42 26.72
C PHE B 155 21.13 -16.44 27.80
N ALA B 156 21.84 -16.93 28.83
CA ALA B 156 22.28 -16.08 29.92
C ALA B 156 23.56 -15.34 29.56
N SER B 157 23.50 -13.99 29.53
CA SER B 157 24.64 -13.19 29.13
C SER B 157 24.54 -11.81 29.73
N ASN B 158 25.70 -11.15 29.92
CA ASN B 158 25.79 -9.79 30.41
C ASN B 158 26.04 -8.84 29.24
N ASN B 159 26.13 -9.37 28.00
CA ASN B 159 26.40 -8.58 26.83
C ASN B 159 25.11 -7.97 26.30
N ILE B 160 25.06 -6.63 26.19
CA ILE B 160 23.89 -5.89 25.73
C ILE B 160 23.48 -6.24 24.29
N TYR B 161 24.46 -6.55 23.42
CA TYR B 161 24.21 -6.86 22.01
C TYR B 161 23.58 -8.22 21.78
N ASP B 162 23.51 -9.11 22.81
CA ASP B 162 22.90 -10.42 22.68
C ASP B 162 21.37 -10.33 22.79
N TYR B 163 20.83 -9.17 23.21
CA TYR B 163 19.43 -8.95 23.48
C TYR B 163 18.69 -8.43 22.25
N THR B 164 18.70 -9.21 21.16
CA THR B 164 18.21 -8.82 19.85
C THR B 164 16.87 -9.40 19.45
N ASN B 165 16.24 -10.23 20.30
CA ASN B 165 14.98 -10.89 19.96
C ASN B 165 13.85 -9.99 20.43
N GLU B 166 12.74 -9.90 19.66
CA GLU B 166 11.59 -9.06 20.00
C GLU B 166 10.98 -9.32 21.36
N THR B 167 10.43 -8.25 21.99
CA THR B 167 9.81 -8.36 23.31
C THR B 167 8.36 -7.93 23.22
N ALA B 168 7.44 -8.91 23.27
CA ALA B 168 6.02 -8.65 23.39
C ALA B 168 5.64 -7.98 24.71
N ASN B 169 4.76 -6.97 24.67
CA ASN B 169 4.24 -6.31 25.84
C ASN B 169 2.72 -6.35 25.79
N ASP B 170 2.09 -6.73 26.91
CA ASP B 170 0.65 -6.84 27.02
C ASP B 170 0.14 -5.74 27.94
N VAL B 171 -0.94 -5.03 27.54
CA VAL B 171 -1.54 -3.96 28.31
C VAL B 171 -2.96 -4.35 28.66
N PHE B 172 -3.37 -4.13 29.93
CA PHE B 172 -4.68 -4.48 30.44
C PHE B 172 -5.38 -3.24 30.99
N ASP B 173 -6.56 -2.93 30.42
CA ASP B 173 -7.34 -1.73 30.66
C ASP B 173 -8.47 -1.97 31.66
N VAL B 174 -8.64 -1.02 32.61
CA VAL B 174 -9.91 -0.79 33.26
C VAL B 174 -10.25 0.69 33.18
N ARG B 175 -11.34 1.04 32.46
CA ARG B 175 -11.86 2.39 32.34
C ARG B 175 -13.23 2.46 32.98
N LEU B 176 -13.47 3.44 33.86
CA LEU B 176 -14.78 3.73 34.42
C LEU B 176 -15.13 5.16 34.06
N ALA B 177 -16.16 5.34 33.21
CA ALA B 177 -16.42 6.58 32.53
C ALA B 177 -17.83 7.09 32.80
N GLN B 178 -18.02 8.41 32.66
CA GLN B 178 -19.32 9.07 32.56
C GLN B 178 -19.99 9.27 33.91
N MET B 179 -19.19 9.34 35.00
CA MET B 179 -19.69 9.57 36.35
C MET B 179 -20.35 10.94 36.54
N GLU B 180 -21.45 11.00 37.32
CA GLU B 180 -22.31 12.17 37.42
C GLU B 180 -21.71 13.46 38.00
N ILE B 181 -20.97 13.39 39.12
CA ILE B 181 -20.21 14.45 39.78
C ILE B 181 -20.91 15.77 40.08
N ASN B 182 -21.09 16.66 39.10
CA ASN B 182 -21.55 18.01 39.32
C ASN B 182 -22.39 18.48 38.14
N PRO B 183 -23.33 19.42 38.27
CA PRO B 183 -24.04 20.03 37.15
C PRO B 183 -23.18 20.46 35.97
N GLY B 184 -23.30 19.76 34.82
CA GLY B 184 -22.56 20.06 33.59
C GLY B 184 -21.15 19.54 33.54
N GLY B 185 -20.72 18.77 34.55
CA GLY B 185 -19.41 18.13 34.58
C GLY B 185 -19.56 16.64 34.57
N THR B 186 -18.44 15.93 34.37
CA THR B 186 -18.41 14.48 34.43
C THR B 186 -16.97 14.06 34.63
N LEU B 187 -16.73 12.77 34.94
CA LEU B 187 -15.43 12.27 35.32
C LEU B 187 -15.23 10.88 34.73
N GLU B 188 -14.01 10.64 34.22
CA GLU B 188 -13.55 9.34 33.77
C GLU B 188 -12.30 8.99 34.56
N LEU B 189 -12.22 7.73 35.03
CA LEU B 189 -11.10 7.22 35.79
C LEU B 189 -10.59 5.97 35.10
N GLY B 190 -9.27 5.88 34.87
CA GLY B 190 -8.67 4.73 34.21
C GLY B 190 -7.47 4.22 34.93
N VAL B 191 -7.29 2.89 34.87
CA VAL B 191 -6.08 2.23 35.34
C VAL B 191 -5.64 1.29 34.25
N ASP B 192 -4.43 1.49 33.70
CA ASP B 192 -3.85 0.61 32.71
C ASP B 192 -2.63 -0.05 33.38
N TYR B 193 -2.51 -1.39 33.28
CA TYR B 193 -1.36 -2.13 33.80
C TYR B 193 -0.72 -2.83 32.61
N GLY B 194 0.61 -2.73 32.47
CA GLY B 194 1.31 -3.30 31.35
C GLY B 194 2.49 -4.10 31.79
N ARG B 195 2.84 -5.15 31.02
CA ARG B 195 4.03 -5.91 31.30
C ARG B 195 4.64 -6.50 30.05
N ALA B 196 5.98 -6.66 30.06
CA ALA B 196 6.67 -7.52 29.13
C ALA B 196 6.29 -8.98 29.30
N ASN B 197 6.20 -9.71 28.17
CA ASN B 197 5.85 -11.10 28.13
C ASN B 197 6.88 -11.83 27.30
N LEU B 198 7.48 -12.90 27.86
CA LEU B 198 8.65 -13.53 27.30
C LEU B 198 8.32 -14.97 26.97
N ARG B 199 8.80 -15.47 25.82
CA ARG B 199 8.89 -16.89 25.53
C ARG B 199 9.73 -17.63 26.57
N ASP B 200 9.44 -18.91 26.84
CA ASP B 200 10.18 -19.70 27.80
C ASP B 200 11.69 -19.79 27.53
N ASN B 201 12.49 -19.79 28.63
CA ASN B 201 13.94 -19.71 28.68
C ASN B 201 14.56 -18.35 28.36
N TYR B 202 13.82 -17.43 27.70
CA TYR B 202 14.31 -16.11 27.34
C TYR B 202 14.41 -15.16 28.54
N ARG B 203 15.05 -14.00 28.35
CA ARG B 203 15.24 -13.05 29.42
C ARG B 203 15.47 -11.64 28.92
N LEU B 204 15.20 -10.66 29.80
CA LEU B 204 15.55 -9.27 29.63
C LEU B 204 16.86 -8.98 30.35
N VAL B 205 17.46 -7.81 30.06
CA VAL B 205 18.66 -7.29 30.70
C VAL B 205 18.49 -7.10 32.21
N ASP B 206 19.55 -7.34 33.03
CA ASP B 206 19.56 -7.02 34.45
C ASP B 206 19.08 -5.60 34.80
N GLY B 207 18.08 -5.53 35.70
CA GLY B 207 17.50 -4.25 36.14
C GLY B 207 16.47 -3.66 35.22
N ALA B 208 16.08 -4.36 34.12
CA ALA B 208 14.99 -3.95 33.25
C ALA B 208 13.66 -3.83 33.98
N SER B 209 12.86 -2.81 33.61
CA SER B 209 11.66 -2.39 34.32
C SER B 209 10.57 -3.43 34.35
N LYS B 210 10.33 -4.10 33.21
CA LYS B 210 9.58 -5.35 33.11
C LYS B 210 8.07 -5.20 33.18
N ASP B 211 7.54 -4.36 34.09
CA ASP B 211 6.14 -4.08 34.24
C ASP B 211 5.93 -2.70 34.87
N GLY B 212 4.69 -2.17 34.81
CA GLY B 212 4.46 -0.78 35.20
C GLY B 212 3.02 -0.38 35.09
N TRP B 213 2.68 0.79 35.64
CA TRP B 213 1.31 1.24 35.82
C TRP B 213 1.08 2.60 35.19
N LEU B 214 -0.13 2.84 34.67
CA LEU B 214 -0.62 4.16 34.33
C LEU B 214 -1.94 4.38 35.07
N PHE B 215 -2.08 5.54 35.74
CA PHE B 215 -3.28 5.94 36.43
C PHE B 215 -3.76 7.25 35.84
N THR B 216 -4.99 7.28 35.30
CA THR B 216 -5.54 8.42 34.57
C THR B 216 -6.81 8.90 35.24
N ALA B 217 -6.93 10.22 35.50
CA ALA B 217 -8.18 10.83 35.91
C ALA B 217 -8.45 12.05 35.04
N GLU B 218 -9.62 12.07 34.38
CA GLU B 218 -10.01 13.19 33.53
C GLU B 218 -11.38 13.71 33.91
N HIS B 219 -11.47 15.02 34.24
CA HIS B 219 -12.74 15.70 34.46
C HIS B 219 -13.07 16.50 33.22
N THR B 220 -14.31 16.40 32.71
CA THR B 220 -14.74 17.16 31.54
C THR B 220 -15.90 18.04 31.98
N GLN B 221 -15.79 19.36 31.77
CA GLN B 221 -16.76 20.34 32.20
C GLN B 221 -17.29 21.13 31.01
N SER B 222 -18.62 21.11 30.79
CA SER B 222 -19.29 21.93 29.78
C SER B 222 -19.32 23.40 30.16
N VAL B 223 -18.76 24.29 29.32
CA VAL B 223 -18.63 25.70 29.64
C VAL B 223 -18.63 26.54 28.36
N LEU B 224 -19.33 27.71 28.35
CA LEU B 224 -19.32 28.70 27.26
C LEU B 224 -19.53 28.17 25.83
N LYS B 225 -20.55 27.30 25.64
CA LYS B 225 -20.90 26.64 24.37
C LYS B 225 -19.86 25.60 23.92
N GLY B 226 -18.90 25.24 24.80
CA GLY B 226 -17.88 24.24 24.53
C GLY B 226 -17.51 23.55 25.80
N PHE B 227 -16.20 23.32 26.04
CA PHE B 227 -15.77 22.49 27.14
C PHE B 227 -14.37 22.81 27.65
N ASN B 228 -14.09 22.29 28.85
CA ASN B 228 -12.79 22.24 29.49
C ASN B 228 -12.58 20.77 29.84
N LYS B 229 -11.36 20.25 29.64
CA LYS B 229 -10.91 18.97 30.12
C LYS B 229 -9.73 19.22 31.03
N PHE B 230 -9.78 18.65 32.25
CA PHE B 230 -8.72 18.74 33.23
C PHE B 230 -8.25 17.32 33.52
N VAL B 231 -6.97 17.03 33.22
CA VAL B 231 -6.40 15.71 33.19
C VAL B 231 -5.24 15.62 34.16
N VAL B 232 -5.24 14.59 35.02
CA VAL B 232 -4.12 14.25 35.87
C VAL B 232 -3.73 12.82 35.56
N GLN B 233 -2.47 12.59 35.18
CA GLN B 233 -1.95 11.26 34.92
C GLN B 233 -0.67 11.03 35.68
N TYR B 234 -0.49 9.80 36.19
CA TYR B 234 0.70 9.38 36.88
C TYR B 234 1.06 8.02 36.34
N ALA B 235 2.34 7.78 36.02
CA ALA B 235 2.78 6.50 35.50
C ALA B 235 4.09 6.10 36.13
N THR B 236 4.37 4.80 36.21
CA THR B 236 5.60 4.27 36.77
C THR B 236 6.28 3.36 35.79
N ASP B 237 7.62 3.26 35.91
CA ASP B 237 8.47 2.24 35.32
C ASP B 237 8.27 2.03 33.82
N SER B 238 7.87 0.83 33.38
CA SER B 238 7.80 0.48 31.96
C SER B 238 6.81 1.28 31.13
N MET B 239 5.82 1.93 31.76
CA MET B 239 4.86 2.80 31.08
C MET B 239 5.38 4.20 30.81
N THR B 240 6.49 4.63 31.47
CA THR B 240 6.97 6.01 31.41
C THR B 240 7.48 6.48 30.05
N SER B 241 8.27 5.65 29.35
CA SER B 241 8.94 6.03 28.11
C SER B 241 8.04 6.30 26.94
N GLN B 242 7.04 5.41 26.68
CA GLN B 242 6.01 5.66 25.69
C GLN B 242 5.02 6.71 26.17
N GLY B 243 4.62 6.63 27.46
CA GLY B 243 3.97 7.71 28.18
C GLY B 243 2.50 7.92 27.90
N LYS B 244 1.85 7.03 27.13
CA LYS B 244 0.46 7.20 26.73
C LYS B 244 -0.36 5.95 27.03
N GLY B 245 0.30 4.86 27.49
CA GLY B 245 -0.38 3.64 27.93
C GLY B 245 0.16 2.36 27.38
N LEU B 246 1.19 2.38 26.51
CA LEU B 246 1.81 1.15 26.05
C LEU B 246 3.11 0.90 26.81
N SER B 247 3.21 -0.23 27.54
CA SER B 247 4.43 -0.57 28.24
C SER B 247 5.60 -0.92 27.34
N GLN B 248 6.81 -0.53 27.76
CA GLN B 248 8.05 -0.94 27.13
C GLN B 248 8.95 -1.44 28.24
N GLY B 249 8.99 -2.77 28.44
CA GLY B 249 9.61 -3.37 29.60
C GLY B 249 11.03 -3.77 29.41
N SER B 250 11.54 -3.80 28.15
CA SER B 250 12.91 -4.23 27.88
C SER B 250 13.98 -3.27 28.36
N GLY B 251 13.80 -1.95 28.11
CA GLY B 251 14.82 -0.95 28.39
C GLY B 251 15.94 -0.90 27.38
N VAL B 252 15.74 -1.49 26.18
CA VAL B 252 16.76 -1.59 25.14
C VAL B 252 16.30 -0.85 23.88
N ALA B 253 17.21 -0.07 23.27
CA ALA B 253 16.98 0.60 22.01
C ALA B 253 18.13 0.26 21.08
N PHE B 254 17.98 0.57 19.78
CA PHE B 254 18.94 0.18 18.75
C PHE B 254 19.31 1.40 17.95
N ASP B 255 20.57 1.49 17.49
CA ASP B 255 20.99 2.48 16.53
C ASP B 255 20.77 1.99 15.10
N ASN B 256 21.17 2.81 14.10
CA ASN B 256 21.02 2.51 12.69
C ASN B 256 21.84 1.29 12.23
N GLU B 257 23.01 1.07 12.84
CA GLU B 257 23.92 -0.01 12.54
C GLU B 257 23.51 -1.30 13.24
N LYS B 258 22.58 -1.16 14.22
CA LYS B 258 21.85 -2.18 14.94
C LYS B 258 22.56 -2.60 16.21
N PHE B 259 23.36 -1.68 16.80
CA PHE B 259 23.93 -1.89 18.12
C PHE B 259 22.88 -1.61 19.17
N ALA B 260 22.55 -2.63 19.99
CA ALA B 260 21.70 -2.49 21.15
C ALA B 260 22.31 -1.60 22.24
N TYR B 261 21.49 -0.74 22.87
CA TYR B 261 21.96 0.08 23.97
C TYR B 261 20.89 0.25 25.03
N ASN B 262 21.35 0.42 26.28
CA ASN B 262 20.48 0.48 27.44
C ASN B 262 19.95 1.90 27.66
N ILE B 263 18.60 2.01 27.70
CA ILE B 263 17.87 3.25 27.88
C ILE B 263 16.96 3.21 29.09
N ASN B 264 17.18 2.25 30.03
CA ASN B 264 16.37 1.92 31.21
C ASN B 264 15.40 2.98 31.76
N ASN B 265 14.12 2.62 31.88
CA ASN B 265 13.02 3.53 32.15
C ASN B 265 12.41 3.35 33.55
N ASN B 266 13.17 2.79 34.52
CA ASN B 266 12.76 2.79 35.93
C ASN B 266 12.57 4.20 36.48
N GLY B 267 11.51 4.42 37.29
CA GLY B 267 11.19 5.73 37.81
C GLY B 267 9.75 6.09 37.55
N HIS B 268 9.45 7.38 37.35
CA HIS B 268 8.06 7.80 37.29
C HIS B 268 7.83 9.00 36.41
N MET B 269 6.59 9.12 35.91
CA MET B 269 6.13 10.26 35.13
C MET B 269 4.92 10.87 35.79
N LEU B 270 4.88 12.21 35.89
CA LEU B 270 3.71 12.95 36.30
C LEU B 270 3.30 13.85 35.15
N ARG B 271 2.01 13.85 34.77
CA ARG B 271 1.50 14.74 33.74
C ARG B 271 0.26 15.44 34.27
N ILE B 272 0.24 16.79 34.22
CA ILE B 272 -0.89 17.61 34.55
C ILE B 272 -1.24 18.38 33.30
N LEU B 273 -2.50 18.31 32.84
CA LEU B 273 -2.89 18.84 31.56
C LEU B 273 -4.27 19.49 31.67
N ASP B 274 -4.43 20.69 31.10
CA ASP B 274 -5.67 21.43 31.00
C ASP B 274 -5.84 21.79 29.53
N HIS B 275 -7.02 21.54 28.94
CA HIS B 275 -7.27 21.96 27.57
C HIS B 275 -8.74 22.10 27.28
N GLY B 276 -9.08 22.73 26.14
CA GLY B 276 -10.47 22.82 25.77
C GLY B 276 -10.70 23.79 24.66
N ALA B 277 -11.99 24.04 24.36
CA ALA B 277 -12.39 24.99 23.35
C ALA B 277 -13.72 25.59 23.75
N ILE B 278 -13.89 26.91 23.52
CA ILE B 278 -15.03 27.67 23.99
C ILE B 278 -15.41 28.73 22.97
N SER B 279 -16.63 29.28 23.07
CA SER B 279 -17.03 30.44 22.28
C SER B 279 -17.28 31.60 23.21
N MET B 280 -16.67 32.76 22.93
CA MET B 280 -16.73 33.92 23.81
C MET B 280 -17.76 34.92 23.33
N GLY B 281 -18.43 34.58 22.22
CA GLY B 281 -19.53 35.34 21.67
C GLY B 281 -19.99 34.61 20.46
N ASP B 282 -20.66 35.29 19.54
CA ASP B 282 -21.04 34.73 18.26
C ASP B 282 -19.85 34.65 17.30
N ASN B 283 -19.03 35.71 17.24
CA ASN B 283 -17.98 35.84 16.23
C ASN B 283 -16.61 35.37 16.72
N TRP B 284 -16.49 34.89 17.97
CA TRP B 284 -15.21 34.54 18.57
C TRP B 284 -15.25 33.17 19.20
N ASP B 285 -14.38 32.26 18.72
CA ASP B 285 -14.13 30.98 19.34
C ASP B 285 -12.67 30.95 19.77
N MET B 286 -12.31 30.08 20.72
CA MET B 286 -10.92 29.92 21.10
C MET B 286 -10.67 28.50 21.57
N MET B 287 -9.48 27.96 21.24
CA MET B 287 -8.99 26.67 21.70
C MET B 287 -7.74 26.95 22.53
N TYR B 288 -7.49 26.16 23.58
CA TYR B 288 -6.39 26.42 24.50
C TYR B 288 -5.81 25.13 25.06
N VAL B 289 -4.54 25.19 25.50
CA VAL B 289 -3.87 24.10 26.19
C VAL B 289 -2.87 24.66 27.19
N GLY B 290 -2.74 24.02 28.37
CA GLY B 290 -1.62 24.20 29.28
C GLY B 290 -1.22 22.87 29.83
N MET B 291 0.09 22.55 29.89
CA MET B 291 0.52 21.25 30.35
C MET B 291 1.86 21.33 31.08
N TYR B 292 2.00 20.49 32.12
CA TYR B 292 3.25 20.21 32.81
C TYR B 292 3.46 18.71 32.72
N GLN B 293 4.62 18.26 32.22
CA GLN B 293 4.97 16.86 32.20
C GLN B 293 6.36 16.69 32.75
N ASP B 294 6.52 15.85 33.77
CA ASP B 294 7.79 15.63 34.43
C ASP B 294 8.10 14.15 34.36
N ILE B 295 9.25 13.78 33.75
CA ILE B 295 9.72 12.42 33.66
C ILE B 295 10.98 12.33 34.49
N ASN B 296 10.96 11.49 35.52
CA ASN B 296 12.06 11.36 36.46
C ASN B 296 12.52 9.92 36.40
N TRP B 297 13.74 9.67 35.88
CA TRP B 297 14.28 8.33 35.74
C TRP B 297 15.53 8.15 36.57
N ASP B 298 15.78 6.90 36.99
CA ASP B 298 16.91 6.50 37.81
C ASP B 298 18.26 6.58 37.10
N ASN B 299 18.28 6.77 35.76
CA ASN B 299 19.50 6.94 34.98
C ASN B 299 19.82 8.40 34.65
N ASP B 300 19.02 9.33 35.24
CA ASP B 300 19.14 10.76 35.13
C ASP B 300 18.80 11.36 33.76
N ASN B 301 18.23 10.59 32.80
CA ASN B 301 18.11 11.08 31.43
C ASN B 301 16.70 11.59 31.09
N GLY B 302 15.85 11.81 32.13
CA GLY B 302 14.50 12.35 31.96
C GLY B 302 14.42 13.80 31.54
N THR B 303 13.18 14.30 31.39
CA THR B 303 12.91 15.66 30.92
C THR B 303 11.73 16.22 31.67
N LYS B 304 11.73 17.55 31.84
CA LYS B 304 10.73 18.27 32.57
C LYS B 304 10.20 19.40 31.69
N TRP B 305 8.92 19.31 31.29
CA TRP B 305 8.36 20.07 30.18
C TRP B 305 7.20 20.92 30.66
N TRP B 306 7.24 22.22 30.33
CA TRP B 306 6.14 23.14 30.50
C TRP B 306 5.73 23.60 29.12
N THR B 307 4.41 23.63 28.83
CA THR B 307 3.95 24.14 27.56
C THR B 307 2.62 24.81 27.73
N VAL B 308 2.39 25.92 26.99
CA VAL B 308 1.13 26.65 27.06
C VAL B 308 0.84 27.29 25.71
N GLY B 309 -0.42 27.22 25.25
CA GLY B 309 -0.78 27.79 23.96
C GLY B 309 -2.23 28.15 23.87
N ILE B 310 -2.52 29.22 23.11
CA ILE B 310 -3.88 29.65 22.84
C ILE B 310 -4.08 29.86 21.36
N ARG B 311 -5.30 29.59 20.89
CA ARG B 311 -5.67 29.68 19.49
C ARG B 311 -7.01 30.37 19.34
N PRO B 312 -7.08 31.70 19.34
CA PRO B 312 -8.32 32.42 19.10
C PRO B 312 -8.67 32.48 17.62
N MET B 313 -9.97 32.34 17.30
CA MET B 313 -10.48 32.38 15.95
C MET B 313 -11.55 33.45 15.84
N TYR B 314 -11.43 34.34 14.83
CA TYR B 314 -12.40 35.37 14.56
C TYR B 314 -13.16 35.01 13.29
N LYS B 315 -14.49 35.08 13.34
CA LYS B 315 -15.35 34.69 12.25
C LYS B 315 -15.96 35.92 11.59
N TRP B 316 -15.60 36.14 10.31
CA TRP B 316 -16.03 37.30 9.53
C TRP B 316 -17.43 37.11 8.94
N THR B 317 -17.68 35.90 8.46
CA THR B 317 -18.86 35.50 7.72
C THR B 317 -18.86 33.99 7.88
N PRO B 318 -19.91 33.17 7.77
CA PRO B 318 -19.92 31.81 8.31
C PRO B 318 -18.84 30.87 7.80
N ILE B 319 -18.40 31.01 6.54
CA ILE B 319 -17.41 30.13 5.96
C ILE B 319 -16.00 30.68 5.97
N MET B 320 -15.75 31.92 6.46
CA MET B 320 -14.41 32.51 6.41
C MET B 320 -14.00 33.08 7.75
N SER B 321 -12.82 32.65 8.24
CA SER B 321 -12.32 33.01 9.54
C SER B 321 -10.86 33.41 9.48
N THR B 322 -10.38 34.08 10.53
CA THR B 322 -8.96 34.36 10.73
C THR B 322 -8.60 33.65 12.01
N VAL B 323 -7.53 32.85 11.96
CA VAL B 323 -7.09 32.01 13.05
C VAL B 323 -5.70 32.49 13.44
N MET B 324 -5.44 32.64 14.75
CA MET B 324 -4.10 32.91 15.23
C MET B 324 -3.76 31.80 16.20
N GLU B 325 -2.49 31.36 16.25
CA GLU B 325 -2.03 30.41 17.23
C GLU B 325 -0.76 30.94 17.84
N ILE B 326 -0.70 31.02 19.18
CA ILE B 326 0.50 31.43 19.89
C ILE B 326 0.80 30.34 20.89
N GLY B 327 2.00 29.73 20.82
CA GLY B 327 2.41 28.65 21.72
C GLY B 327 3.79 28.89 22.25
N TYR B 328 4.06 28.40 23.47
CA TYR B 328 5.33 28.49 24.16
C TYR B 328 5.66 27.14 24.76
N ASP B 329 6.89 26.63 24.50
CA ASP B 329 7.41 25.40 25.05
C ASP B 329 8.66 25.69 25.86
N ASN B 330 8.84 25.01 27.00
CA ASN B 330 10.08 25.03 27.75
C ASN B 330 10.38 23.62 28.25
N VAL B 331 11.55 23.06 27.91
CA VAL B 331 11.96 21.73 28.33
C VAL B 331 13.27 21.80 29.08
N GLU B 332 13.27 21.32 30.34
CA GLU B 332 14.43 21.20 31.19
C GLU B 332 14.96 19.77 31.13
N SER B 333 16.29 19.62 31.05
CA SER B 333 17.00 18.35 31.10
C SER B 333 17.18 17.91 32.54
N GLN B 334 16.78 16.67 32.93
CA GLN B 334 17.10 16.13 34.25
C GLN B 334 18.62 15.98 34.43
N ARG B 335 19.30 15.52 33.37
CA ARG B 335 20.72 15.23 33.36
C ARG B 335 21.63 16.43 33.54
N THR B 336 21.29 17.59 32.93
CA THR B 336 22.18 18.76 32.96
C THR B 336 21.59 19.93 33.74
N GLY B 337 20.25 20.02 33.87
CA GLY B 337 19.55 21.14 34.49
C GLY B 337 19.31 22.33 33.56
N ASP B 338 19.81 22.24 32.31
CA ASP B 338 19.66 23.26 31.30
C ASP B 338 18.28 23.26 30.68
N LYS B 339 17.95 24.33 29.94
CA LYS B 339 16.62 24.55 29.44
C LYS B 339 16.64 24.91 27.97
N ASN B 340 15.75 24.25 27.20
CA ASN B 340 15.48 24.51 25.80
C ASN B 340 14.11 25.15 25.75
N ASN B 341 13.91 26.18 24.92
CA ASN B 341 12.61 26.82 24.83
C ASN B 341 12.34 27.30 23.43
N GLN B 342 11.04 27.52 23.12
CA GLN B 342 10.63 28.01 21.83
C GLN B 342 9.33 28.76 21.98
N TYR B 343 9.13 29.84 21.20
CA TYR B 343 7.82 30.42 21.02
C TYR B 343 7.47 30.46 19.55
N LYS B 344 6.22 30.11 19.22
CA LYS B 344 5.75 30.08 17.86
C LYS B 344 4.51 30.95 17.74
N ILE B 345 4.47 31.83 16.72
CA ILE B 345 3.31 32.66 16.42
C ILE B 345 2.91 32.35 14.99
N THR B 346 1.68 31.85 14.78
CA THR B 346 1.14 31.58 13.45
C THR B 346 -0.10 32.42 13.26
N LEU B 347 -0.22 33.08 12.10
CA LEU B 347 -1.39 33.83 11.71
C LEU B 347 -1.88 33.23 10.42
N ALA B 348 -3.19 32.91 10.32
CA ALA B 348 -3.73 32.24 9.17
C ALA B 348 -5.11 32.75 8.78
N GLN B 349 -5.40 32.74 7.48
CA GLN B 349 -6.71 33.03 6.93
C GLN B 349 -7.30 31.71 6.50
N GLN B 350 -8.51 31.38 6.98
CA GLN B 350 -9.07 30.06 6.81
C GLN B 350 -10.46 30.15 6.20
N TRP B 351 -10.76 29.23 5.27
CA TRP B 351 -12.10 28.97 4.80
C TRP B 351 -12.46 27.59 5.29
N GLN B 352 -13.65 27.40 5.88
CA GLN B 352 -14.00 26.11 6.44
C GLN B 352 -15.49 25.82 6.34
N ALA B 353 -15.84 24.53 6.31
CA ALA B 353 -17.19 24.03 6.16
C ALA B 353 -18.07 24.18 7.40
N GLY B 354 -18.52 25.42 7.69
CA GLY B 354 -19.40 25.73 8.80
C GLY B 354 -18.75 26.67 9.76
N ASP B 355 -19.51 27.14 10.77
CA ASP B 355 -19.17 28.27 11.59
C ASP B 355 -18.49 27.91 12.91
N SER B 356 -18.05 26.66 13.12
CA SER B 356 -17.41 26.24 14.35
C SER B 356 -15.89 26.19 14.20
N ILE B 357 -15.15 26.30 15.31
CA ILE B 357 -13.71 26.08 15.37
C ILE B 357 -13.34 24.62 15.14
N TRP B 358 -14.33 23.72 15.29
CA TRP B 358 -14.18 22.30 15.01
C TRP B 358 -14.67 21.95 13.60
N SER B 359 -15.22 22.91 12.84
CA SER B 359 -15.67 22.68 11.48
C SER B 359 -14.53 22.49 10.51
N ARG B 360 -14.55 21.36 9.78
CA ARG B 360 -13.59 21.04 8.74
C ARG B 360 -14.37 20.24 7.72
N PRO B 361 -14.01 20.07 6.44
CA PRO B 361 -12.84 20.59 5.72
C PRO B 361 -12.47 22.05 5.92
N ALA B 362 -11.17 22.34 6.01
CA ALA B 362 -10.66 23.68 6.10
C ALA B 362 -9.51 23.86 5.14
N ILE B 363 -9.48 25.01 4.44
CA ILE B 363 -8.38 25.42 3.57
C ILE B 363 -7.77 26.65 4.22
N ARG B 364 -6.45 26.62 4.46
CA ARG B 364 -5.75 27.65 5.19
C ARG B 364 -4.64 28.24 4.36
N VAL B 365 -4.47 29.58 4.43
CA VAL B 365 -3.28 30.26 3.95
C VAL B 365 -2.65 30.87 5.18
N PHE B 366 -1.34 30.66 5.42
CA PHE B 366 -0.73 30.98 6.70
C PHE B 366 0.64 31.61 6.60
N ALA B 367 1.08 32.24 7.71
CA ALA B 367 2.44 32.63 7.94
C ALA B 367 2.77 32.33 9.40
N THR B 368 3.92 31.69 9.64
CA THR B 368 4.38 31.19 10.94
C THR B 368 5.72 31.80 11.23
N TYR B 369 5.93 32.38 12.44
CA TYR B 369 7.24 32.82 12.91
C TYR B 369 7.57 32.02 14.15
N ALA B 370 8.83 31.60 14.31
CA ALA B 370 9.26 30.89 15.48
C ALA B 370 10.67 31.32 15.88
N LYS B 371 10.90 31.55 17.20
CA LYS B 371 12.23 31.70 17.76
C LYS B 371 12.40 30.61 18.77
N TRP B 372 13.59 29.97 18.79
CA TRP B 372 13.96 28.99 19.76
C TRP B 372 15.31 29.33 20.34
N ASP B 373 15.55 28.85 21.56
CA ASP B 373 16.82 28.95 22.24
C ASP B 373 17.05 27.58 22.89
N GLU B 374 18.09 26.84 22.45
CA GLU B 374 18.37 25.50 22.92
C GLU B 374 19.78 25.41 23.48
N LYS B 375 19.90 24.93 24.74
CA LYS B 375 21.15 24.84 25.47
C LYS B 375 21.59 23.40 25.66
N TRP B 376 20.77 22.43 25.23
CA TRP B 376 21.13 21.04 25.36
C TRP B 376 20.50 20.26 24.23
N GLY B 377 21.10 19.12 23.86
CA GLY B 377 20.53 18.22 22.88
C GLY B 377 20.83 16.82 23.30
N TYR B 378 20.55 15.84 22.43
CA TYR B 378 20.87 14.45 22.70
C TYR B 378 22.11 14.09 21.90
N ASP B 379 23.06 13.38 22.53
CA ASP B 379 24.23 12.90 21.84
C ASP B 379 23.88 11.69 20.97
N TYR B 380 24.02 11.87 19.64
CA TYR B 380 23.88 10.83 18.65
C TYR B 380 25.13 10.84 17.80
N THR B 381 26.26 11.36 18.32
CA THR B 381 27.54 11.25 17.63
C THR B 381 28.07 9.82 17.64
N GLY B 382 28.61 9.36 16.49
CA GLY B 382 29.04 7.98 16.32
C GLY B 382 27.95 6.96 16.41
N ASN B 383 28.25 5.82 17.04
CA ASN B 383 27.35 4.68 17.13
C ASN B 383 27.25 4.36 18.60
N ALA B 384 26.27 3.53 19.00
CA ALA B 384 26.12 3.09 20.37
C ALA B 384 27.32 2.32 20.91
N ASP B 385 27.99 1.54 20.03
CA ASP B 385 29.24 0.86 20.31
C ASP B 385 30.41 1.79 20.67
N ASN B 386 30.60 2.89 19.91
CA ASN B 386 31.81 3.69 20.05
C ASN B 386 31.60 4.96 20.87
N ASN B 387 30.34 5.30 21.22
CA ASN B 387 30.03 6.43 22.06
C ASN B 387 29.27 5.99 23.30
N ALA B 388 29.89 6.18 24.48
CA ALA B 388 29.30 5.86 25.77
C ALA B 388 28.19 6.82 26.21
N ASN B 389 28.06 8.00 25.58
CA ASN B 389 27.01 8.96 25.89
C ASN B 389 25.83 8.84 24.95
N PHE B 390 25.82 7.87 24.02
CA PHE B 390 24.79 7.71 23.01
C PHE B 390 23.37 7.69 23.56
N GLY B 391 22.48 8.52 22.98
CA GLY B 391 21.09 8.69 23.36
C GLY B 391 20.86 9.54 24.59
N LYS B 392 21.91 10.18 25.13
CA LYS B 392 21.79 10.89 26.39
C LYS B 392 21.94 12.38 26.22
N ALA B 393 21.22 13.15 27.06
CA ALA B 393 21.24 14.59 27.02
C ALA B 393 22.61 15.19 27.36
N VAL B 394 23.09 16.15 26.56
CA VAL B 394 24.39 16.77 26.72
C VAL B 394 24.23 18.26 26.49
N PRO B 395 25.05 19.15 27.07
CA PRO B 395 25.11 20.57 26.71
C PRO B 395 25.31 20.84 25.22
N ALA B 396 24.88 22.03 24.75
CA ALA B 396 24.97 22.44 23.37
C ALA B 396 26.37 22.43 22.80
N ASP B 397 27.39 22.79 23.60
CA ASP B 397 28.78 22.94 23.21
C ASP B 397 29.64 21.73 23.54
N PHE B 398 29.03 20.58 23.93
CA PHE B 398 29.74 19.41 24.44
C PHE B 398 30.91 18.92 23.58
N ASN B 399 32.15 19.09 24.10
CA ASN B 399 33.41 18.80 23.44
C ASN B 399 33.68 19.61 22.17
N GLY B 400 33.03 20.78 22.01
CA GLY B 400 33.11 21.59 20.80
C GLY B 400 32.19 21.16 19.71
N GLY B 401 31.26 20.23 19.99
CA GLY B 401 30.17 19.87 19.08
C GLY B 401 29.04 20.87 19.09
N SER B 402 27.96 20.56 18.36
CA SER B 402 26.73 21.34 18.34
C SER B 402 25.58 20.42 18.64
N PHE B 403 24.89 20.60 19.78
CA PHE B 403 23.79 19.74 20.18
C PHE B 403 22.55 20.58 20.40
N GLY B 404 21.42 20.21 19.73
CA GLY B 404 20.24 21.06 19.67
C GLY B 404 20.36 22.08 18.55
N ARG B 405 19.34 22.94 18.40
CA ARG B 405 19.24 23.84 17.26
C ARG B 405 19.77 25.25 17.54
N GLY B 406 20.49 25.43 18.67
CA GLY B 406 21.04 26.71 19.14
C GLY B 406 20.04 27.81 19.41
N ASP B 407 20.45 29.09 19.23
CA ASP B 407 19.56 30.25 19.24
C ASP B 407 19.44 30.64 17.78
N SER B 408 18.21 30.66 17.27
CA SER B 408 17.93 31.12 15.92
C SER B 408 16.47 31.44 15.84
N ASP B 409 16.04 31.99 14.69
CA ASP B 409 14.65 32.26 14.44
C ASP B 409 14.42 32.26 12.94
N GLU B 410 13.16 31.99 12.55
CA GLU B 410 12.85 31.70 11.17
C GLU B 410 11.35 31.94 10.98
N TRP B 411 10.91 32.06 9.72
CA TRP B 411 9.51 32.18 9.41
C TRP B 411 9.17 31.39 8.17
N THR B 412 8.00 30.72 8.20
CA THR B 412 7.54 29.85 7.13
C THR B 412 6.17 30.33 6.72
N PHE B 413 5.74 29.97 5.51
CA PHE B 413 4.46 30.42 5.00
C PHE B 413 4.00 29.46 3.93
N GLY B 414 2.70 29.53 3.57
CA GLY B 414 2.19 28.67 2.52
C GLY B 414 0.73 28.42 2.70
N ALA B 415 0.29 27.22 2.29
CA ALA B 415 -1.11 26.86 2.31
C ALA B 415 -1.26 25.38 2.58
N GLN B 416 -2.35 24.99 3.25
CA GLN B 416 -2.61 23.60 3.55
C GLN B 416 -4.09 23.40 3.66
N MET B 417 -4.53 22.14 3.53
CA MET B 417 -5.88 21.72 3.83
C MET B 417 -5.82 20.77 5.01
N GLU B 418 -6.89 20.73 5.81
CA GLU B 418 -7.05 19.73 6.84
C GLU B 418 -8.51 19.31 6.82
N ILE B 419 -8.77 17.99 6.83
CA ILE B 419 -10.11 17.47 6.69
C ILE B 419 -10.27 16.25 7.58
N TRP B 420 -11.51 16.02 8.05
CA TRP B 420 -11.95 14.75 8.58
C TRP B 420 -13.36 14.64 8.04
N TRP B 421 -13.89 13.42 7.93
CA TRP B 421 -15.18 13.18 7.36
C TRP B 421 -15.71 11.84 7.91
N VAL C 1 -20.52 1.28 -6.28
CA VAL C 1 -19.35 0.67 -5.59
C VAL C 1 -19.85 -0.33 -4.59
N ASP C 2 -19.36 -1.56 -4.74
CA ASP C 2 -19.80 -2.71 -4.04
C ASP C 2 -18.55 -3.11 -3.27
N PHE C 3 -18.71 -3.48 -1.99
CA PHE C 3 -17.60 -3.63 -1.08
C PHE C 3 -17.71 -5.00 -0.48
N HIS C 4 -16.70 -5.85 -0.70
CA HIS C 4 -16.70 -7.25 -0.31
C HIS C 4 -15.31 -7.59 0.19
N GLY C 5 -15.13 -8.74 0.86
CA GLY C 5 -13.78 -9.14 1.24
C GLY C 5 -13.70 -10.23 2.28
N TYR C 6 -12.50 -10.37 2.86
CA TYR C 6 -12.23 -11.33 3.92
C TYR C 6 -11.25 -10.66 4.87
N ALA C 7 -11.41 -10.86 6.18
CA ALA C 7 -10.44 -10.40 7.14
C ALA C 7 -10.43 -11.28 8.38
N ARG C 8 -9.24 -11.41 9.00
CA ARG C 8 -9.07 -12.09 10.27
C ARG C 8 -8.05 -11.33 11.09
N SER C 9 -8.28 -11.20 12.41
CA SER C 9 -7.37 -10.49 13.29
C SER C 9 -7.68 -10.90 14.71
N GLY C 10 -6.82 -10.59 15.70
CA GLY C 10 -7.10 -10.99 17.06
C GLY C 10 -5.97 -10.65 17.99
N ILE C 11 -5.94 -11.34 19.14
CA ILE C 11 -4.83 -11.30 20.07
C ILE C 11 -4.73 -12.65 20.75
N GLY C 12 -3.51 -13.20 20.87
CA GLY C 12 -3.31 -14.50 21.50
C GLY C 12 -2.08 -14.57 22.35
N TRP C 13 -2.01 -15.64 23.15
CA TRP C 13 -0.96 -15.90 24.11
C TRP C 13 -0.59 -17.36 24.05
N THR C 14 0.63 -17.68 24.55
CA THR C 14 1.14 -19.04 24.64
C THR C 14 1.30 -19.37 26.11
N GLY C 15 0.98 -20.62 26.53
CA GLY C 15 0.93 -21.07 27.92
C GLY C 15 2.25 -21.12 28.63
N SER C 16 3.34 -21.34 27.88
CA SER C 16 4.71 -21.24 28.37
C SER C 16 5.22 -19.80 28.45
N GLY C 17 4.51 -18.84 27.81
CA GLY C 17 4.87 -17.43 27.82
C GLY C 17 4.94 -16.84 26.45
N GLY C 18 4.85 -15.50 26.35
CA GLY C 18 4.92 -14.82 25.06
C GLY C 18 3.65 -14.84 24.24
N GLU C 19 3.80 -14.32 23.01
CA GLU C 19 2.82 -14.25 21.96
C GLU C 19 2.46 -15.60 21.37
N GLN C 20 1.40 -15.66 20.52
CA GLN C 20 0.82 -16.90 20.07
C GLN C 20 1.66 -17.72 19.10
N GLN C 21 2.10 -18.93 19.49
CA GLN C 21 2.66 -19.90 18.57
C GLN C 21 1.66 -20.45 17.56
N CYS C 22 2.14 -20.81 16.35
CA CYS C 22 1.32 -21.40 15.30
C CYS C 22 1.79 -22.82 15.05
N PHE C 23 0.84 -23.76 14.97
CA PHE C 23 1.14 -25.18 14.95
C PHE C 23 0.86 -25.77 13.59
N GLN C 24 1.91 -26.16 12.87
CA GLN C 24 1.81 -26.79 11.57
C GLN C 24 2.85 -27.89 11.54
N THR C 25 2.46 -29.10 11.12
CA THR C 25 3.34 -30.26 11.03
C THR C 25 4.42 -30.06 9.98
N THR C 26 5.71 -30.31 10.33
CA THR C 26 6.82 -30.22 9.37
C THR C 26 6.65 -31.18 8.21
N GLY C 27 6.47 -30.64 6.99
CA GLY C 27 6.19 -31.40 5.78
C GLY C 27 4.74 -31.38 5.37
N ALA C 28 3.83 -30.81 6.19
CA ALA C 28 2.45 -30.59 5.81
C ALA C 28 2.27 -29.21 5.20
N GLN C 29 1.37 -29.07 4.21
CA GLN C 29 1.21 -27.85 3.46
C GLN C 29 0.08 -26.98 3.98
N SER C 30 -0.48 -27.29 5.16
CA SER C 30 -1.60 -26.54 5.72
C SER C 30 -1.72 -26.79 7.20
N LYS C 31 -2.62 -26.05 7.88
CA LYS C 31 -2.81 -26.14 9.32
C LYS C 31 -4.27 -25.95 9.67
N TYR C 32 -4.83 -26.74 10.60
CA TYR C 32 -6.21 -26.58 11.07
C TYR C 32 -6.44 -25.20 11.70
N ARG C 33 -7.25 -24.34 11.04
CA ARG C 33 -7.22 -22.91 11.25
C ARG C 33 -7.65 -22.43 12.64
N LEU C 34 -8.67 -23.05 13.29
CA LEU C 34 -9.31 -22.48 14.46
C LEU C 34 -8.37 -22.30 15.65
N GLY C 35 -8.13 -21.04 16.08
CA GLY C 35 -7.19 -20.75 17.17
C GLY C 35 -5.76 -21.09 16.86
N ASN C 36 -5.39 -20.96 15.57
CA ASN C 36 -4.11 -21.40 15.05
C ASN C 36 -3.74 -20.54 13.84
N GLU C 37 -4.19 -19.28 13.87
CA GLU C 37 -3.89 -18.26 12.90
C GLU C 37 -3.25 -17.15 13.71
N CYS C 38 -2.06 -16.69 13.29
CA CYS C 38 -1.15 -15.93 14.13
C CYS C 38 -0.82 -14.61 13.49
N GLU C 39 -1.58 -14.26 12.44
CA GLU C 39 -1.32 -13.14 11.57
C GLU C 39 -2.61 -12.36 11.44
N THR C 40 -2.52 -11.08 11.02
CA THR C 40 -3.68 -10.31 10.60
C THR C 40 -3.65 -10.29 9.10
N TYR C 41 -4.67 -10.86 8.47
CA TYR C 41 -4.81 -10.90 7.03
C TYR C 41 -6.10 -10.18 6.71
N ALA C 42 -6.08 -9.28 5.72
CA ALA C 42 -7.28 -8.64 5.23
C ALA C 42 -7.14 -8.44 3.75
N GLU C 43 -8.19 -8.80 2.97
CA GLU C 43 -8.23 -8.54 1.56
C GLU C 43 -9.52 -7.80 1.25
N LEU C 44 -9.40 -6.69 0.51
CA LEU C 44 -10.46 -5.72 0.34
C LEU C 44 -10.78 -5.58 -1.13
N LYS C 45 -12.04 -5.82 -1.50
CA LYS C 45 -12.49 -5.78 -2.88
C LYS C 45 -13.45 -4.63 -3.07
N LEU C 46 -13.14 -3.75 -4.05
CA LEU C 46 -14.03 -2.68 -4.46
C LEU C 46 -14.46 -2.97 -5.88
N GLY C 47 -15.73 -3.37 -6.06
CA GLY C 47 -16.25 -3.72 -7.37
C GLY C 47 -17.31 -2.74 -7.81
N GLN C 48 -17.70 -2.81 -9.09
CA GLN C 48 -18.86 -2.08 -9.56
C GLN C 48 -19.37 -2.68 -10.86
N GLU C 49 -20.71 -2.66 -11.08
CA GLU C 49 -21.26 -2.89 -12.41
C GLU C 49 -21.29 -1.56 -13.12
N VAL C 50 -20.42 -1.37 -14.13
CA VAL C 50 -20.10 -0.05 -14.66
C VAL C 50 -20.90 0.26 -15.91
N TRP C 51 -21.50 -0.76 -16.54
CA TRP C 51 -22.36 -0.56 -17.68
C TRP C 51 -23.35 -1.70 -17.74
N LYS C 52 -24.61 -1.42 -18.12
CA LYS C 52 -25.61 -2.45 -18.30
C LYS C 52 -26.60 -2.04 -19.37
N GLU C 53 -26.88 -2.94 -20.33
CA GLU C 53 -27.93 -2.78 -21.31
C GLU C 53 -28.70 -4.08 -21.36
N GLY C 54 -29.95 -4.08 -20.82
CA GLY C 54 -30.71 -5.32 -20.62
C GLY C 54 -29.97 -6.39 -19.86
N ASP C 55 -29.82 -7.57 -20.47
CA ASP C 55 -29.13 -8.72 -19.95
C ASP C 55 -27.61 -8.62 -20.07
N LYS C 56 -27.11 -7.68 -20.89
CA LYS C 56 -25.69 -7.52 -21.17
C LYS C 56 -25.08 -6.54 -20.18
N SER C 57 -23.96 -6.90 -19.53
CA SER C 57 -23.33 -5.97 -18.59
C SER C 57 -21.84 -6.14 -18.49
N PHE C 58 -21.17 -5.10 -17.97
CA PHE C 58 -19.75 -5.12 -17.67
C PHE C 58 -19.58 -4.90 -16.19
N TYR C 59 -18.86 -5.82 -15.54
CA TYR C 59 -18.55 -5.74 -14.13
C TYR C 59 -17.05 -5.55 -14.01
N PHE C 60 -16.63 -4.68 -13.08
CA PHE C 60 -15.25 -4.37 -12.79
C PHE C 60 -15.00 -4.81 -11.36
N ASP C 61 -13.83 -5.41 -11.09
CA ASP C 61 -13.52 -5.98 -9.81
C ASP C 61 -12.03 -5.83 -9.52
N THR C 62 -11.67 -5.57 -8.25
CA THR C 62 -10.29 -5.39 -7.79
C THR C 62 -10.10 -6.15 -6.50
N ASN C 63 -8.83 -6.35 -6.08
CA ASN C 63 -8.53 -6.89 -4.76
C ASN C 63 -7.17 -6.38 -4.31
N VAL C 64 -7.08 -5.80 -3.11
CA VAL C 64 -5.84 -5.39 -2.48
C VAL C 64 -5.75 -6.13 -1.16
N ALA C 65 -4.63 -6.86 -0.93
CA ALA C 65 -4.47 -7.73 0.22
C ALA C 65 -3.34 -7.27 1.12
N TYR C 66 -3.60 -7.25 2.44
CA TYR C 66 -2.70 -6.78 3.46
C TYR C 66 -2.41 -7.94 4.40
N SER C 67 -1.13 -8.16 4.72
CA SER C 67 -0.71 -9.16 5.68
C SER C 67 0.21 -8.48 6.66
N VAL C 68 -0.10 -8.50 7.97
CA VAL C 68 0.72 -7.88 9.00
C VAL C 68 0.80 -8.77 10.23
N ALA C 69 1.83 -8.52 11.07
CA ALA C 69 2.27 -9.41 12.12
C ALA C 69 1.42 -9.42 13.38
N GLN C 70 0.56 -8.39 13.57
CA GLN C 70 -0.30 -8.18 14.73
C GLN C 70 0.44 -8.03 16.05
N GLN C 71 1.55 -7.27 16.02
CA GLN C 71 2.37 -7.04 17.19
C GLN C 71 2.37 -5.58 17.59
N ASN C 72 2.02 -4.64 16.68
CA ASN C 72 2.04 -3.22 16.99
C ASN C 72 0.86 -2.51 16.33
N ASP C 73 0.50 -1.29 16.78
CA ASP C 73 -0.48 -0.45 16.09
C ASP C 73 -0.02 -0.08 14.68
N TRP C 74 1.12 0.62 14.58
CA TRP C 74 1.67 1.04 13.31
C TRP C 74 2.51 -0.08 12.74
N GLU C 75 1.95 -0.80 11.75
CA GLU C 75 2.64 -1.85 11.04
C GLU C 75 2.61 -1.48 9.58
N ALA C 76 3.77 -1.08 9.04
CA ALA C 76 4.01 -0.83 7.63
C ALA C 76 4.17 -2.17 6.90
N THR C 77 3.71 -2.27 5.65
CA THR C 77 3.80 -3.51 4.90
C THR C 77 3.59 -3.21 3.43
N ASP C 78 4.19 -4.00 2.52
CA ASP C 78 3.85 -4.03 1.12
C ASP C 78 2.44 -4.61 0.89
N PRO C 79 1.44 -3.90 0.37
CA PRO C 79 0.18 -4.52 0.01
C PRO C 79 0.30 -5.32 -1.28
N ALA C 80 -0.34 -6.49 -1.35
CA ALA C 80 -0.32 -7.30 -2.54
C ALA C 80 -1.53 -6.99 -3.41
N PHE C 81 -1.29 -6.60 -4.68
CA PHE C 81 -2.36 -6.24 -5.58
C PHE C 81 -2.75 -7.46 -6.40
N ARG C 82 -3.86 -8.13 -6.00
CA ARG C 82 -4.13 -9.49 -6.45
C ARG C 82 -5.20 -9.60 -7.52
N GLU C 83 -6.07 -8.59 -7.70
CA GLU C 83 -7.07 -8.65 -8.75
C GLU C 83 -7.32 -7.28 -9.34
N ALA C 84 -7.74 -7.28 -10.62
CA ALA C 84 -8.03 -6.12 -11.42
C ALA C 84 -8.52 -6.64 -12.76
N ASN C 85 -9.84 -6.91 -12.88
CA ASN C 85 -10.38 -7.56 -14.06
C ASN C 85 -11.70 -6.96 -14.50
N VAL C 86 -12.04 -7.18 -15.78
CA VAL C 86 -13.33 -6.78 -16.34
C VAL C 86 -14.01 -8.04 -16.83
N GLN C 87 -15.28 -8.22 -16.46
CA GLN C 87 -16.09 -9.36 -16.82
C GLN C 87 -17.27 -8.88 -17.64
N GLY C 88 -17.35 -9.30 -18.93
CA GLY C 88 -18.43 -8.96 -19.85
C GLY C 88 -19.42 -10.08 -19.94
N LYS C 89 -20.63 -9.87 -19.41
CA LYS C 89 -21.57 -10.94 -19.12
C LYS C 89 -22.71 -10.96 -20.14
N ASN C 90 -22.97 -12.16 -20.72
CA ASN C 90 -24.00 -12.44 -21.71
C ASN C 90 -23.81 -11.65 -23.00
N LEU C 91 -22.53 -11.49 -23.40
CA LEU C 91 -22.13 -10.47 -24.34
C LEU C 91 -21.86 -11.05 -25.73
N ILE C 92 -21.78 -12.38 -25.85
CA ILE C 92 -21.55 -13.05 -27.13
C ILE C 92 -22.84 -13.71 -27.53
N GLU C 93 -23.50 -13.16 -28.57
CA GLU C 93 -24.89 -13.43 -28.93
C GLU C 93 -25.22 -14.90 -29.25
N TRP C 94 -24.25 -15.64 -29.83
CA TRP C 94 -24.45 -17.05 -30.16
C TRP C 94 -23.97 -17.99 -29.06
N LEU C 95 -23.59 -17.48 -27.88
CA LEU C 95 -23.22 -18.29 -26.73
C LEU C 95 -23.93 -17.79 -25.46
N PRO C 96 -25.26 -17.91 -25.32
CA PRO C 96 -26.04 -17.34 -24.21
C PRO C 96 -25.55 -17.66 -22.81
N GLY C 97 -25.41 -16.63 -21.95
CA GLY C 97 -25.03 -16.77 -20.55
C GLY C 97 -23.56 -16.93 -20.30
N SER C 98 -22.73 -16.90 -21.37
CA SER C 98 -21.29 -16.85 -21.26
C SER C 98 -20.75 -15.54 -20.73
N THR C 99 -19.61 -15.60 -20.04
CA THR C 99 -18.89 -14.42 -19.54
C THR C 99 -17.54 -14.42 -20.21
N ILE C 100 -17.18 -13.32 -20.88
CA ILE C 100 -15.84 -13.12 -21.41
C ILE C 100 -15.10 -12.23 -20.43
N TRP C 101 -13.85 -12.55 -20.08
CA TRP C 101 -13.13 -11.80 -19.07
C TRP C 101 -11.66 -11.68 -19.42
N ALA C 102 -11.02 -10.61 -18.91
CA ALA C 102 -9.60 -10.44 -19.05
C ALA C 102 -9.09 -9.57 -17.91
N GLY C 103 -7.80 -9.72 -17.57
CA GLY C 103 -7.14 -8.99 -16.50
C GLY C 103 -6.74 -9.92 -15.41
N LYS C 104 -6.47 -9.39 -14.22
CA LYS C 104 -5.98 -10.16 -13.10
C LYS C 104 -7.13 -10.61 -12.21
N ARG C 105 -7.25 -11.91 -11.91
CA ARG C 105 -8.48 -12.43 -11.33
C ARG C 105 -8.28 -13.66 -10.46
N PHE C 106 -9.07 -13.76 -9.35
CA PHE C 106 -9.29 -15.02 -8.66
C PHE C 106 -10.27 -15.88 -9.46
N TYR C 107 -9.78 -16.96 -10.08
CA TYR C 107 -10.57 -17.69 -11.06
C TYR C 107 -10.97 -19.04 -10.48
N GLN C 108 -12.26 -19.13 -10.07
CA GLN C 108 -12.94 -20.36 -9.68
C GLN C 108 -12.18 -21.24 -8.71
N ARG C 109 -11.63 -20.61 -7.64
CA ARG C 109 -10.88 -21.27 -6.60
C ARG C 109 -11.71 -22.27 -5.80
N HIS C 110 -11.10 -23.41 -5.42
CA HIS C 110 -11.75 -24.39 -4.58
C HIS C 110 -10.88 -24.67 -3.36
N ASP C 111 -11.43 -24.45 -2.14
CA ASP C 111 -10.73 -24.63 -0.89
C ASP C 111 -11.41 -25.60 0.06
N VAL C 112 -10.60 -26.08 1.04
CA VAL C 112 -11.10 -26.70 2.24
C VAL C 112 -10.91 -25.71 3.37
N HIS C 113 -12.01 -25.05 3.79
CA HIS C 113 -11.97 -23.94 4.73
C HIS C 113 -11.37 -24.23 6.11
N MET C 114 -11.62 -25.41 6.73
CA MET C 114 -11.12 -25.63 8.08
C MET C 114 -9.61 -25.84 8.19
N ILE C 115 -8.91 -26.15 7.08
CA ILE C 115 -7.45 -26.26 7.08
C ILE C 115 -6.81 -25.15 6.27
N ASP C 116 -7.58 -24.17 5.75
CA ASP C 116 -7.11 -23.08 4.90
C ASP C 116 -6.34 -23.56 3.65
N PHE C 117 -6.91 -24.54 2.93
CA PHE C 117 -6.18 -25.22 1.87
C PHE C 117 -6.90 -25.13 0.55
N TYR C 118 -6.37 -24.29 -0.37
CA TYR C 118 -6.72 -24.30 -1.77
C TYR C 118 -6.17 -25.55 -2.45
N TYR C 119 -7.05 -26.39 -3.01
CA TYR C 119 -6.65 -27.63 -3.66
C TYR C 119 -6.72 -27.51 -5.17
N TRP C 120 -7.45 -26.51 -5.67
CA TRP C 120 -7.46 -26.21 -7.08
C TRP C 120 -7.57 -24.70 -7.20
N ASP C 121 -6.62 -24.08 -7.93
CA ASP C 121 -6.44 -22.65 -7.94
C ASP C 121 -5.39 -22.32 -9.01
N ILE C 122 -5.82 -21.54 -10.02
CA ILE C 122 -4.98 -21.10 -11.13
C ILE C 122 -5.04 -19.58 -11.25
N SER C 123 -5.36 -18.89 -10.13
CA SER C 123 -5.48 -17.44 -10.06
C SER C 123 -4.25 -16.67 -10.48
N GLY C 124 -4.44 -15.52 -11.15
CA GLY C 124 -3.31 -14.80 -11.71
C GLY C 124 -3.73 -13.79 -12.74
N PRO C 125 -2.77 -13.16 -13.42
CA PRO C 125 -2.97 -12.50 -14.70
C PRO C 125 -3.52 -13.44 -15.77
N GLY C 126 -4.66 -13.11 -16.41
CA GLY C 126 -5.15 -14.02 -17.44
C GLY C 126 -6.24 -13.47 -18.29
N ALA C 127 -6.90 -14.38 -19.02
CA ALA C 127 -8.08 -14.08 -19.79
C ALA C 127 -8.83 -15.36 -20.06
N GLY C 128 -10.13 -15.29 -20.35
CA GLY C 128 -10.87 -16.51 -20.60
C GLY C 128 -12.28 -16.29 -21.07
N LEU C 129 -12.93 -17.41 -21.36
CA LEU C 129 -14.32 -17.48 -21.74
C LEU C 129 -14.98 -18.51 -20.84
N GLU C 130 -15.94 -18.05 -20.02
CA GLU C 130 -16.43 -18.75 -18.86
C GLU C 130 -17.91 -19.00 -19.02
N ASN C 131 -18.40 -20.17 -18.52
CA ASN C 131 -19.82 -20.48 -18.41
C ASN C 131 -20.52 -20.67 -19.76
N ILE C 132 -19.86 -21.32 -20.73
CA ILE C 132 -20.46 -21.69 -22.00
C ILE C 132 -21.44 -22.84 -21.77
N ASP C 133 -22.71 -22.68 -22.16
CA ASP C 133 -23.68 -23.75 -22.04
C ASP C 133 -23.48 -24.79 -23.15
N VAL C 134 -23.35 -26.07 -22.77
CA VAL C 134 -23.21 -27.16 -23.71
C VAL C 134 -24.42 -28.09 -23.64
N GLY C 135 -25.50 -27.69 -22.94
CA GLY C 135 -26.77 -28.42 -22.88
C GLY C 135 -26.84 -29.53 -21.87
N PHE C 136 -25.80 -29.71 -21.04
CA PHE C 136 -25.79 -30.72 -20.00
C PHE C 136 -24.83 -30.34 -18.89
N GLY C 137 -24.37 -29.08 -18.86
CA GLY C 137 -23.30 -28.65 -17.99
C GLY C 137 -22.72 -27.39 -18.56
N LYS C 138 -21.70 -26.85 -17.89
CA LYS C 138 -21.08 -25.58 -18.22
C LYS C 138 -19.62 -25.78 -18.54
N LEU C 139 -19.14 -25.15 -19.62
CA LEU C 139 -17.77 -25.28 -20.09
C LEU C 139 -17.07 -23.94 -19.92
N SER C 140 -15.88 -23.93 -19.30
CA SER C 140 -15.11 -22.73 -19.06
C SER C 140 -13.67 -22.97 -19.48
N LEU C 141 -13.07 -21.97 -20.15
CA LEU C 141 -11.73 -22.05 -20.72
C LEU C 141 -10.96 -20.78 -20.39
N ALA C 142 -9.74 -20.88 -19.83
CA ALA C 142 -8.90 -19.73 -19.56
C ALA C 142 -7.44 -19.97 -19.93
N ALA C 143 -6.68 -18.87 -19.98
CA ALA C 143 -5.25 -18.87 -20.04
C ALA C 143 -4.76 -17.97 -18.92
N THR C 144 -3.74 -18.41 -18.17
CA THR C 144 -3.29 -17.73 -16.95
C THR C 144 -1.81 -17.98 -16.79
N ARG C 145 -1.14 -17.28 -15.86
CA ARG C 145 0.31 -17.27 -15.77
C ARG C 145 0.82 -17.15 -14.34
N SER C 146 1.97 -17.80 -14.07
CA SER C 146 2.79 -17.57 -12.90
C SER C 146 4.23 -17.51 -13.36
N SER C 147 5.17 -17.03 -12.54
CA SER C 147 6.59 -17.07 -12.88
C SER C 147 7.42 -17.67 -11.77
N GLU C 148 8.57 -18.25 -12.14
CA GLU C 148 9.57 -18.71 -11.22
C GLU C 148 10.66 -17.65 -11.21
N ALA C 149 11.19 -17.33 -10.01
CA ALA C 149 12.05 -16.17 -9.79
C ALA C 149 13.40 -16.22 -10.50
N GLY C 150 13.81 -17.41 -10.96
CA GLY C 150 14.96 -17.56 -11.83
C GLY C 150 14.80 -18.83 -12.61
N GLY C 151 15.90 -19.58 -12.78
CA GLY C 151 15.87 -20.93 -13.33
C GLY C 151 16.19 -21.02 -14.80
N SER C 152 16.32 -19.87 -15.47
CA SER C 152 16.63 -19.79 -16.88
C SER C 152 17.97 -19.10 -17.07
N SER C 153 18.76 -19.53 -18.06
CA SER C 153 20.04 -18.94 -18.41
C SER C 153 19.98 -18.48 -19.84
N SER C 154 20.80 -17.48 -20.20
CA SER C 154 20.90 -16.94 -21.54
C SER C 154 22.00 -17.63 -22.34
N PHE C 155 22.67 -18.64 -21.74
CA PHE C 155 23.66 -19.43 -22.42
C PHE C 155 23.71 -20.84 -21.84
N ALA C 156 24.19 -21.82 -22.63
CA ALA C 156 24.31 -23.19 -22.17
C ALA C 156 25.46 -23.38 -21.19
N SER C 157 25.17 -23.88 -19.97
CA SER C 157 26.16 -24.06 -18.94
C SER C 157 25.89 -25.35 -18.20
N ASN C 158 26.80 -25.75 -17.30
CA ASN C 158 26.61 -26.87 -16.39
C ASN C 158 26.70 -26.36 -14.96
N ASN C 159 26.84 -25.04 -14.78
CA ASN C 159 26.88 -24.39 -13.50
C ASN C 159 25.47 -23.87 -13.23
N ILE C 160 24.90 -24.18 -12.05
CA ILE C 160 23.53 -23.81 -11.74
C ILE C 160 23.38 -22.33 -11.42
N TYR C 161 24.48 -21.66 -11.05
CA TYR C 161 24.47 -20.25 -10.68
C TYR C 161 24.34 -19.32 -11.87
N ASP C 162 24.48 -19.83 -13.11
CA ASP C 162 24.20 -19.06 -14.32
C ASP C 162 22.70 -18.97 -14.60
N TYR C 163 21.86 -19.83 -13.96
CA TYR C 163 20.45 -19.96 -14.26
C TYR C 163 19.61 -19.07 -13.35
N THR C 164 19.84 -17.75 -13.41
CA THR C 164 19.25 -16.77 -12.51
C THR C 164 18.19 -15.90 -13.17
N ASN C 165 17.87 -16.11 -14.44
CA ASN C 165 16.92 -15.25 -15.15
C ASN C 165 15.53 -15.82 -15.03
N GLU C 166 14.50 -14.95 -14.87
CA GLU C 166 13.12 -15.30 -14.60
C GLU C 166 12.48 -16.25 -15.60
N THR C 167 11.65 -17.20 -15.13
CA THR C 167 11.01 -18.16 -16.01
C THR C 167 9.50 -18.01 -15.93
N ALA C 168 8.88 -17.43 -16.98
CA ALA C 168 7.44 -17.41 -17.13
C ALA C 168 6.86 -18.80 -17.35
N ASN C 169 5.72 -19.11 -16.71
CA ASN C 169 5.02 -20.37 -16.89
C ASN C 169 3.57 -20.07 -17.24
N ASP C 170 3.11 -20.61 -18.38
CA ASP C 170 1.74 -20.41 -18.83
C ASP C 170 0.91 -21.64 -18.48
N VAL C 171 -0.34 -21.43 -18.04
CA VAL C 171 -1.28 -22.50 -17.75
C VAL C 171 -2.52 -22.30 -18.61
N PHE C 172 -3.00 -23.39 -19.23
CA PHE C 172 -4.17 -23.40 -20.07
C PHE C 172 -5.12 -24.47 -19.52
N ASP C 173 -6.40 -24.14 -19.28
CA ASP C 173 -7.32 -25.08 -18.66
C ASP C 173 -8.51 -25.43 -19.55
N VAL C 174 -9.20 -26.51 -19.14
CA VAL C 174 -10.58 -26.72 -19.49
C VAL C 174 -11.30 -27.23 -18.26
N ARG C 175 -12.37 -26.53 -17.86
CA ARG C 175 -13.24 -26.92 -16.77
C ARG C 175 -14.60 -27.24 -17.36
N LEU C 176 -15.13 -28.43 -17.08
CA LEU C 176 -16.47 -28.84 -17.45
C LEU C 176 -17.21 -29.14 -16.17
N ALA C 177 -18.22 -28.31 -15.86
CA ALA C 177 -18.79 -28.22 -14.55
C ALA C 177 -20.29 -28.40 -14.60
N GLN C 178 -20.89 -28.69 -13.42
CA GLN C 178 -22.34 -28.79 -13.23
C GLN C 178 -23.01 -29.90 -14.04
N MET C 179 -22.36 -31.07 -14.16
CA MET C 179 -22.98 -32.22 -14.80
C MET C 179 -23.83 -32.96 -13.78
N GLU C 180 -25.17 -33.06 -14.00
CA GLU C 180 -26.04 -33.85 -13.15
C GLU C 180 -25.83 -35.35 -13.35
N ILE C 181 -25.59 -36.10 -12.25
CA ILE C 181 -25.27 -37.52 -12.34
C ILE C 181 -26.31 -38.35 -11.62
N ASN C 182 -26.59 -38.00 -10.36
CA ASN C 182 -27.54 -38.69 -9.53
C ASN C 182 -28.46 -37.63 -8.99
N PRO C 183 -29.71 -37.89 -8.59
CA PRO C 183 -30.55 -36.86 -8.00
C PRO C 183 -29.90 -36.20 -6.78
N GLY C 184 -29.70 -34.87 -6.84
CA GLY C 184 -29.05 -34.10 -5.79
C GLY C 184 -27.54 -34.12 -5.79
N GLY C 185 -26.89 -34.70 -6.82
CA GLY C 185 -25.43 -34.75 -6.91
C GLY C 185 -24.92 -34.37 -8.28
N THR C 186 -23.83 -33.60 -8.30
CA THR C 186 -23.24 -33.04 -9.51
C THR C 186 -21.77 -33.40 -9.61
N LEU C 187 -21.24 -33.38 -10.84
CA LEU C 187 -19.87 -33.70 -11.17
C LEU C 187 -19.21 -32.52 -11.86
N GLU C 188 -17.96 -32.22 -11.47
CA GLU C 188 -17.09 -31.25 -12.11
C GLU C 188 -15.80 -31.93 -12.52
N LEU C 189 -15.36 -31.70 -13.77
CA LEU C 189 -14.19 -32.32 -14.35
C LEU C 189 -13.29 -31.25 -14.91
N GLY C 190 -11.98 -31.31 -14.61
CA GLY C 190 -11.03 -30.33 -15.09
C GLY C 190 -9.75 -30.93 -15.56
N VAL C 191 -9.14 -30.30 -16.58
CA VAL C 191 -7.81 -30.62 -17.04
C VAL C 191 -7.05 -29.33 -17.18
N ASP C 192 -5.93 -29.18 -16.45
CA ASP C 192 -5.09 -28.01 -16.49
C ASP C 192 -3.73 -28.47 -17.06
N TYR C 193 -3.21 -27.78 -18.11
CA TYR C 193 -1.91 -28.10 -18.71
C TYR C 193 -1.03 -26.88 -18.55
N GLY C 194 0.21 -27.09 -18.08
CA GLY C 194 1.14 -26.00 -17.79
C GLY C 194 2.45 -26.22 -18.45
N ARG C 195 3.14 -25.13 -18.80
CA ARG C 195 4.45 -25.22 -19.41
C ARG C 195 5.30 -24.00 -19.10
N ALA C 196 6.61 -24.20 -18.93
CA ALA C 196 7.58 -23.12 -18.96
C ALA C 196 7.66 -22.47 -20.34
N ASN C 197 7.79 -21.14 -20.36
CA ASN C 197 7.80 -20.33 -21.55
C ASN C 197 9.08 -19.52 -21.57
N LEU C 198 9.90 -19.71 -22.63
CA LEU C 198 11.25 -19.21 -22.67
C LEU C 198 11.38 -18.28 -23.85
N ARG C 199 12.03 -17.12 -23.66
CA ARG C 199 12.51 -16.26 -24.72
C ARG C 199 13.54 -16.97 -25.61
N ASP C 200 13.66 -16.62 -26.91
CA ASP C 200 14.62 -17.27 -27.79
C ASP C 200 16.08 -17.22 -27.31
N ASN C 201 16.80 -18.31 -27.56
CA ASN C 201 18.15 -18.63 -27.09
C ASN C 201 18.26 -19.00 -25.60
N TYR C 202 17.22 -18.75 -24.77
CA TYR C 202 17.24 -19.08 -23.36
C TYR C 202 17.10 -20.57 -23.07
N ARG C 203 17.64 -20.98 -21.91
CA ARG C 203 17.88 -22.37 -21.61
C ARG C 203 17.56 -22.69 -20.16
N LEU C 204 16.76 -23.73 -19.89
CA LEU C 204 16.61 -24.31 -18.56
C LEU C 204 17.72 -25.31 -18.28
N VAL C 205 17.91 -25.67 -16.99
CA VAL C 205 18.83 -26.72 -16.56
C VAL C 205 18.53 -28.07 -17.17
N ASP C 206 19.55 -28.91 -17.41
CA ASP C 206 19.32 -30.26 -17.89
C ASP C 206 18.54 -31.13 -16.91
N GLY C 207 17.55 -31.89 -17.44
CA GLY C 207 16.63 -32.67 -16.64
C GLY C 207 15.47 -31.91 -16.05
N ALA C 208 15.31 -30.60 -16.36
CA ALA C 208 14.16 -29.83 -15.92
C ALA C 208 12.82 -30.39 -16.40
N SER C 209 11.78 -30.33 -15.53
CA SER C 209 10.46 -30.92 -15.78
C SER C 209 9.73 -30.26 -16.93
N LYS C 210 9.80 -28.92 -17.00
CA LYS C 210 9.55 -28.12 -18.20
C LYS C 210 8.09 -27.93 -18.59
N ASP C 211 7.26 -28.98 -18.54
CA ASP C 211 5.83 -28.93 -18.73
C ASP C 211 5.16 -29.99 -17.86
N GLY C 212 3.82 -30.02 -17.78
CA GLY C 212 3.16 -30.97 -16.88
C GLY C 212 1.67 -30.87 -16.89
N TRP C 213 0.99 -31.90 -16.34
CA TRP C 213 -0.45 -32.05 -16.42
C TRP C 213 -1.07 -32.11 -15.04
N LEU C 214 -2.29 -31.54 -14.88
CA LEU C 214 -3.11 -31.75 -13.71
C LEU C 214 -4.52 -32.14 -14.15
N PHE C 215 -5.09 -33.18 -13.52
CA PHE C 215 -6.40 -33.70 -13.81
C PHE C 215 -7.22 -33.68 -12.54
N THR C 216 -8.41 -33.04 -12.55
CA THR C 216 -9.27 -32.89 -11.38
C THR C 216 -10.61 -33.51 -11.66
N ALA C 217 -11.12 -34.35 -10.74
CA ALA C 217 -12.50 -34.79 -10.76
C ALA C 217 -13.12 -34.57 -9.38
N GLU C 218 -14.23 -33.81 -9.32
CA GLU C 218 -14.92 -33.53 -8.08
C GLU C 218 -16.39 -33.92 -8.18
N HIS C 219 -16.90 -34.67 -7.19
CA HIS C 219 -18.33 -34.92 -7.04
C HIS C 219 -18.82 -34.10 -5.85
N THR C 220 -19.93 -33.37 -6.04
CA THR C 220 -20.54 -32.58 -4.98
C THR C 220 -21.92 -33.14 -4.75
N GLN C 221 -22.22 -33.53 -3.50
CA GLN C 221 -23.48 -34.15 -3.12
C GLN C 221 -24.20 -33.31 -2.09
N SER C 222 -25.46 -32.92 -2.36
CA SER C 222 -26.30 -32.25 -1.38
C SER C 222 -26.87 -33.24 -0.36
N VAL C 223 -26.65 -33.00 0.95
CA VAL C 223 -27.03 -33.94 1.98
C VAL C 223 -27.18 -33.23 3.34
N LEU C 224 -28.18 -33.62 4.18
CA LEU C 224 -28.37 -33.15 5.56
C LEU C 224 -28.33 -31.64 5.81
N LYS C 225 -29.04 -30.84 4.98
CA LYS C 225 -29.07 -29.38 5.04
C LYS C 225 -27.72 -28.73 4.66
N GLY C 226 -26.79 -29.52 4.07
CA GLY C 226 -25.47 -29.06 3.65
C GLY C 226 -24.96 -29.90 2.51
N PHE C 227 -23.68 -30.32 2.56
CA PHE C 227 -23.07 -31.01 1.45
C PHE C 227 -21.86 -31.86 1.83
N ASN C 228 -21.48 -32.76 0.91
CA ASN C 228 -20.26 -33.55 0.91
C ASN C 228 -19.60 -33.29 -0.44
N LYS C 229 -18.29 -32.99 -0.45
CA LYS C 229 -17.50 -32.90 -1.66
C LYS C 229 -16.48 -34.02 -1.62
N PHE C 230 -16.35 -34.77 -2.73
CA PHE C 230 -15.37 -35.83 -2.87
C PHE C 230 -14.53 -35.53 -4.10
N VAL C 231 -13.21 -35.36 -3.90
CA VAL C 231 -12.29 -34.83 -4.89
C VAL C 231 -11.16 -35.81 -5.11
N VAL C 232 -10.87 -36.16 -6.39
CA VAL C 232 -9.70 -36.93 -6.76
C VAL C 232 -8.90 -36.12 -7.76
N GLN C 233 -7.61 -35.87 -7.47
CA GLN C 233 -6.72 -35.16 -8.35
C GLN C 233 -5.47 -35.97 -8.61
N TYR C 234 -5.01 -35.96 -9.88
CA TYR C 234 -3.76 -36.56 -10.28
C TYR C 234 -2.97 -35.49 -11.01
N ALA C 235 -1.67 -35.36 -10.75
CA ALA C 235 -0.86 -34.39 -11.43
C ALA C 235 0.53 -34.96 -11.67
N THR C 236 1.19 -34.51 -12.75
CA THR C 236 2.53 -34.96 -13.11
C THR C 236 3.48 -33.79 -13.12
N ASP C 237 4.78 -34.09 -12.94
CA ASP C 237 5.90 -33.24 -13.28
C ASP C 237 5.80 -31.81 -12.79
N SER C 238 5.76 -30.82 -13.70
CA SER C 238 5.77 -29.40 -13.37
C SER C 238 4.57 -28.88 -12.59
N MET C 239 3.48 -29.67 -12.45
CA MET C 239 2.34 -29.28 -11.65
C MET C 239 2.41 -29.84 -10.24
N THR C 240 3.39 -30.70 -9.92
CA THR C 240 3.51 -31.32 -8.58
C THR C 240 3.86 -30.36 -7.46
N SER C 241 4.83 -29.45 -7.68
CA SER C 241 5.38 -28.56 -6.65
C SER C 241 4.37 -27.63 -6.00
N GLN C 242 3.60 -26.88 -6.82
CA GLN C 242 2.47 -26.11 -6.31
C GLN C 242 1.31 -27.02 -5.91
N GLY C 243 1.00 -28.02 -6.77
CA GLY C 243 -0.07 -28.98 -6.53
C GLY C 243 -1.46 -28.41 -6.53
N LYS C 244 -1.68 -27.28 -7.22
CA LYS C 244 -2.97 -26.60 -7.25
C LYS C 244 -3.39 -26.21 -8.66
N GLY C 245 -2.45 -26.19 -9.62
CA GLY C 245 -2.75 -25.93 -11.03
C GLY C 245 -1.87 -24.86 -11.63
N LEU C 246 -1.00 -24.22 -10.84
CA LEU C 246 0.05 -23.38 -11.39
C LEU C 246 1.31 -24.21 -11.62
N SER C 247 2.04 -23.89 -12.70
CA SER C 247 3.16 -24.68 -13.19
C SER C 247 4.47 -24.08 -12.75
N GLN C 248 5.42 -24.94 -12.34
CA GLN C 248 6.80 -24.56 -12.09
C GLN C 248 7.65 -25.57 -12.84
N GLY C 249 8.41 -25.10 -13.85
CA GLY C 249 9.05 -25.96 -14.84
C GLY C 249 10.54 -25.94 -14.80
N SER C 250 11.16 -24.92 -14.18
CA SER C 250 12.61 -24.80 -14.11
C SER C 250 13.28 -25.85 -13.24
N GLY C 251 12.70 -26.13 -12.06
CA GLY C 251 13.29 -27.03 -11.07
C GLY C 251 14.41 -26.40 -10.27
N VAL C 252 14.50 -25.05 -10.27
CA VAL C 252 15.55 -24.30 -9.59
C VAL C 252 14.91 -23.45 -8.50
N ALA C 253 15.53 -23.43 -7.31
CA ALA C 253 15.09 -22.64 -6.19
C ALA C 253 16.25 -21.81 -5.68
N PHE C 254 15.95 -20.75 -4.90
CA PHE C 254 16.92 -19.74 -4.55
C PHE C 254 17.08 -19.61 -3.07
N ASP C 255 18.35 -19.44 -2.66
CA ASP C 255 18.77 -19.17 -1.32
C ASP C 255 18.52 -17.70 -0.94
N ASN C 256 18.62 -17.39 0.37
CA ASN C 256 18.58 -16.05 0.93
C ASN C 256 19.75 -15.22 0.42
N GLU C 257 20.92 -15.88 0.31
CA GLU C 257 22.17 -15.29 -0.15
C GLU C 257 22.27 -15.36 -1.68
N LYS C 258 21.23 -15.92 -2.33
CA LYS C 258 20.94 -15.85 -3.75
C LYS C 258 21.68 -16.87 -4.59
N PHE C 259 22.27 -17.87 -3.92
CA PHE C 259 22.68 -19.13 -4.52
C PHE C 259 21.49 -19.90 -5.09
N ALA C 260 21.72 -20.66 -6.17
CA ALA C 260 20.68 -21.39 -6.86
C ALA C 260 20.85 -22.88 -6.59
N TYR C 261 19.77 -23.60 -6.28
CA TYR C 261 19.86 -25.02 -6.00
C TYR C 261 18.74 -25.78 -6.69
N ASN C 262 18.93 -27.10 -6.87
CA ASN C 262 18.04 -27.91 -7.66
C ASN C 262 16.98 -28.60 -6.79
N ILE C 263 15.70 -28.46 -7.18
CA ILE C 263 14.56 -29.01 -6.47
C ILE C 263 13.72 -29.95 -7.33
N ASN C 264 14.17 -30.27 -8.57
CA ASN C 264 13.52 -31.02 -9.65
C ASN C 264 12.14 -31.69 -9.44
N ASN C 265 11.14 -31.30 -10.26
CA ASN C 265 9.76 -31.66 -10.00
C ASN C 265 9.25 -32.90 -10.73
N ASN C 266 10.11 -33.67 -11.45
CA ASN C 266 9.67 -34.86 -12.18
C ASN C 266 9.09 -35.96 -11.30
N GLY C 267 8.00 -36.60 -11.76
CA GLY C 267 7.27 -37.60 -10.99
C GLY C 267 5.81 -37.25 -10.93
N HIS C 268 5.13 -37.57 -9.83
CA HIS C 268 3.69 -37.41 -9.79
C HIS C 268 3.12 -37.17 -8.41
N MET C 269 1.95 -36.52 -8.38
CA MET C 269 1.18 -36.27 -7.19
C MET C 269 -0.18 -36.92 -7.32
N LEU C 270 -0.61 -37.63 -6.27
CA LEU C 270 -1.96 -38.15 -6.14
C LEU C 270 -2.58 -37.50 -4.93
N ARG C 271 -3.76 -36.88 -5.08
CA ARG C 271 -4.50 -36.32 -3.97
C ARG C 271 -5.90 -36.89 -3.96
N ILE C 272 -6.32 -37.45 -2.82
CA ILE C 272 -7.67 -37.94 -2.60
C ILE C 272 -8.19 -37.18 -1.39
N LEU C 273 -9.31 -36.47 -1.55
CA LEU C 273 -9.78 -35.51 -0.58
C LEU C 273 -11.28 -35.61 -0.44
N ASP C 274 -11.79 -35.69 0.80
CA ASP C 274 -13.19 -35.63 1.10
C ASP C 274 -13.38 -34.49 2.11
N HIS C 275 -14.41 -33.65 1.92
CA HIS C 275 -14.70 -32.61 2.89
C HIS C 275 -16.12 -32.13 2.77
N GLY C 276 -16.64 -31.46 3.80
CA GLY C 276 -17.97 -30.90 3.68
C GLY C 276 -18.46 -30.33 4.98
N ALA C 277 -19.75 -29.98 5.01
CA ALA C 277 -20.39 -29.49 6.20
C ALA C 277 -21.84 -29.91 6.20
N ILE C 278 -22.36 -30.34 7.36
CA ILE C 278 -23.71 -30.88 7.50
C ILE C 278 -24.33 -30.35 8.77
N SER C 279 -25.68 -30.38 8.86
CA SER C 279 -26.39 -30.03 10.08
C SER C 279 -27.12 -31.26 10.59
N MET C 280 -27.00 -31.52 11.90
CA MET C 280 -27.54 -32.71 12.53
C MET C 280 -28.56 -32.30 13.57
N GLY C 281 -29.85 -32.60 13.31
CA GLY C 281 -30.94 -31.93 14.01
C GLY C 281 -30.92 -30.44 13.73
N ASP C 282 -31.20 -29.61 14.76
CA ASP C 282 -31.23 -28.18 14.58
C ASP C 282 -30.20 -27.47 15.47
N ASN C 283 -29.57 -28.16 16.45
CA ASN C 283 -28.65 -27.51 17.37
C ASN C 283 -27.19 -27.81 17.04
N TRP C 284 -26.91 -28.67 16.04
CA TRP C 284 -25.57 -29.09 15.74
C TRP C 284 -25.26 -28.91 14.27
N ASP C 285 -24.15 -28.23 13.96
CA ASP C 285 -23.58 -28.22 12.63
C ASP C 285 -22.21 -28.87 12.78
N MET C 286 -21.72 -29.56 11.74
CA MET C 286 -20.40 -30.15 11.79
C MET C 286 -19.73 -30.04 10.45
N MET C 287 -18.47 -29.60 10.46
CA MET C 287 -17.61 -29.44 9.30
C MET C 287 -16.51 -30.46 9.42
N TYR C 288 -16.03 -31.05 8.31
CA TYR C 288 -15.11 -32.18 8.37
C TYR C 288 -14.20 -32.22 7.16
N VAL C 289 -13.03 -32.85 7.32
CA VAL C 289 -12.07 -33.07 6.25
C VAL C 289 -11.34 -34.39 6.45
N GLY C 290 -11.13 -35.14 5.36
CA GLY C 290 -10.21 -36.26 5.32
C GLY C 290 -9.41 -36.16 4.05
N MET C 291 -8.07 -36.30 4.12
CA MET C 291 -7.24 -36.17 2.94
C MET C 291 -6.06 -37.11 2.98
N TYR C 292 -5.73 -37.66 1.80
CA TYR C 292 -4.49 -38.37 1.51
C TYR C 292 -3.83 -37.60 0.37
N GLN C 293 -2.57 -37.20 0.54
CA GLN C 293 -1.79 -36.61 -0.53
C GLN C 293 -0.45 -37.33 -0.60
N ASP C 294 -0.09 -37.82 -1.78
CA ASP C 294 1.09 -38.60 -2.02
C ASP C 294 1.88 -37.88 -3.11
N ILE C 295 3.14 -37.49 -2.84
CA ILE C 295 4.02 -36.87 -3.82
C ILE C 295 5.19 -37.82 -3.97
N ASN C 296 5.40 -38.31 -5.21
CA ASN C 296 6.44 -39.25 -5.52
C ASN C 296 7.33 -38.59 -6.55
N TRP C 297 8.60 -38.31 -6.19
CA TRP C 297 9.53 -37.62 -7.06
C TRP C 297 10.76 -38.48 -7.31
N ASP C 298 11.37 -38.34 -8.49
CA ASP C 298 12.55 -39.07 -8.93
C ASP C 298 13.83 -38.75 -8.14
N ASN C 299 13.82 -37.67 -7.33
CA ASN C 299 14.94 -37.29 -6.49
C ASN C 299 14.78 -37.75 -5.03
N ASP C 300 13.70 -38.50 -4.75
CA ASP C 300 13.33 -39.03 -3.46
C ASP C 300 12.97 -38.00 -2.38
N ASN C 301 12.71 -36.72 -2.71
CA ASN C 301 12.49 -35.71 -1.68
C ASN C 301 11.02 -35.40 -1.46
N GLY C 302 10.11 -36.24 -2.02
CA GLY C 302 8.67 -36.13 -1.83
C GLY C 302 8.17 -36.43 -0.43
N THR C 303 6.85 -36.31 -0.22
CA THR C 303 6.22 -36.53 1.06
C THR C 303 4.88 -37.19 0.87
N LYS C 304 4.44 -37.93 1.89
CA LYS C 304 3.17 -38.61 1.89
C LYS C 304 2.41 -38.22 3.14
N TRP C 305 1.21 -37.66 2.96
CA TRP C 305 0.52 -36.89 3.97
C TRP C 305 -0.89 -37.42 4.18
N TRP C 306 -1.26 -37.66 5.45
CA TRP C 306 -2.61 -37.98 5.87
C TRP C 306 -3.08 -36.90 6.82
N THR C 307 -4.28 -36.34 6.57
CA THR C 307 -4.89 -35.31 7.42
C THR C 307 -6.32 -35.71 7.69
N VAL C 308 -6.75 -35.72 8.96
CA VAL C 308 -8.12 -36.03 9.34
C VAL C 308 -8.57 -35.02 10.37
N GLY C 309 -9.67 -34.28 10.12
CA GLY C 309 -10.16 -33.31 11.08
C GLY C 309 -11.66 -33.20 11.12
N ILE C 310 -12.23 -32.97 12.32
CA ILE C 310 -13.65 -32.70 12.48
C ILE C 310 -13.85 -31.46 13.32
N ARG C 311 -14.92 -30.71 13.03
CA ARG C 311 -15.23 -29.46 13.68
C ARG C 311 -16.72 -29.40 14.01
N PRO C 312 -17.16 -29.95 15.14
CA PRO C 312 -18.54 -29.82 15.58
C PRO C 312 -18.82 -28.49 16.27
N MET C 313 -19.99 -27.92 15.98
CA MET C 313 -20.49 -26.69 16.52
C MET C 313 -21.80 -26.98 17.24
N TYR C 314 -21.98 -26.44 18.46
CA TYR C 314 -23.21 -26.54 19.21
C TYR C 314 -23.81 -25.15 19.36
N LYS C 315 -25.10 -24.99 19.07
CA LYS C 315 -25.80 -23.73 19.08
C LYS C 315 -26.63 -23.60 20.34
N TRP C 316 -26.33 -22.59 21.19
CA TRP C 316 -27.08 -22.34 22.42
C TRP C 316 -28.31 -21.49 22.19
N THR C 317 -28.17 -20.48 21.32
CA THR C 317 -29.15 -19.47 21.03
C THR C 317 -28.72 -18.94 19.68
N PRO C 318 -29.51 -18.34 18.79
CA PRO C 318 -29.12 -18.09 17.40
C PRO C 318 -27.76 -17.45 17.14
N ILE C 319 -27.36 -16.45 17.94
CA ILE C 319 -26.11 -15.74 17.71
C ILE C 319 -24.93 -16.25 18.52
N MET C 320 -25.09 -17.30 19.37
CA MET C 320 -24.01 -17.75 20.24
C MET C 320 -23.86 -19.27 20.23
N SER C 321 -22.62 -19.73 20.00
CA SER C 321 -22.30 -21.12 19.82
C SER C 321 -21.03 -21.50 20.57
N THR C 322 -20.80 -22.81 20.70
CA THR C 322 -19.53 -23.37 21.15
C THR C 322 -19.01 -24.20 20.01
N VAL C 323 -17.74 -24.01 19.62
CA VAL C 323 -17.12 -24.69 18.50
C VAL C 323 -15.96 -25.47 19.04
N MET C 324 -15.79 -26.73 18.61
CA MET C 324 -14.62 -27.52 18.91
C MET C 324 -13.99 -27.93 17.59
N GLU C 325 -12.65 -27.98 17.51
CA GLU C 325 -11.96 -28.46 16.33
C GLU C 325 -10.92 -29.47 16.77
N ILE C 326 -10.96 -30.68 16.21
CA ILE C 326 -10.03 -31.76 16.53
C ILE C 326 -9.42 -32.20 15.23
N GLY C 327 -8.08 -32.13 15.11
CA GLY C 327 -7.37 -32.51 13.89
C GLY C 327 -6.17 -33.36 14.20
N TYR C 328 -5.79 -34.24 13.26
CA TYR C 328 -4.63 -35.11 13.35
C TYR C 328 -3.94 -35.20 12.00
N ASP C 329 -2.62 -34.95 11.98
CA ASP C 329 -1.81 -35.01 10.79
C ASP C 329 -0.76 -36.10 10.92
N ASN C 330 -0.44 -36.77 9.81
CA ASN C 330 0.69 -37.67 9.73
C ASN C 330 1.41 -37.39 8.43
N VAL C 331 2.73 -37.07 8.47
CA VAL C 331 3.52 -36.82 7.28
C VAL C 331 4.71 -37.74 7.26
N GLU C 332 4.83 -38.55 6.20
CA GLU C 332 5.91 -39.47 5.95
C GLU C 332 6.84 -38.90 4.89
N SER C 333 8.16 -38.87 5.20
CA SER C 333 9.22 -38.55 4.25
C SER C 333 9.39 -39.65 3.21
N GLN C 334 9.45 -39.33 1.88
CA GLN C 334 9.86 -40.31 0.88
C GLN C 334 11.31 -40.73 1.09
N ARG C 335 12.18 -39.74 1.36
CA ARG C 335 13.62 -39.86 1.46
C ARG C 335 14.11 -40.76 2.59
N THR C 336 13.44 -40.70 3.76
CA THR C 336 13.89 -41.46 4.92
C THR C 336 12.89 -42.51 5.37
N GLY C 337 11.59 -42.34 5.07
CA GLY C 337 10.51 -43.21 5.54
C GLY C 337 10.02 -42.92 6.94
N ASP C 338 10.62 -41.93 7.62
CA ASP C 338 10.24 -41.51 8.95
C ASP C 338 8.95 -40.71 8.95
N LYS C 339 8.34 -40.54 10.14
CA LYS C 339 7.02 -39.97 10.27
C LYS C 339 6.98 -38.85 11.28
N ASN C 340 6.38 -37.73 10.88
CA ASN C 340 6.06 -36.59 11.70
C ASN C 340 4.57 -36.63 11.94
N ASN C 341 4.11 -36.29 13.16
CA ASN C 341 2.69 -36.33 13.46
C ASN C 341 2.32 -35.31 14.49
N GLN C 342 1.05 -34.87 14.45
CA GLN C 342 0.57 -33.85 15.35
C GLN C 342 -0.91 -34.06 15.58
N TYR C 343 -1.42 -33.80 16.80
CA TYR C 343 -2.84 -33.58 16.99
C TYR C 343 -3.08 -32.26 17.68
N LYS C 344 -4.15 -31.57 17.24
CA LYS C 344 -4.55 -30.28 17.76
C LYS C 344 -5.98 -30.38 18.24
N ILE C 345 -6.25 -29.90 19.48
CA ILE C 345 -7.59 -29.83 20.03
C ILE C 345 -7.83 -28.38 20.40
N THR C 346 -8.81 -27.72 19.75
CA THR C 346 -9.18 -26.34 20.03
C THR C 346 -10.62 -26.31 20.48
N LEU C 347 -10.90 -25.60 21.59
CA LEU C 347 -12.24 -25.40 22.11
C LEU C 347 -12.47 -23.90 22.14
N ALA C 348 -13.61 -23.42 21.61
CA ALA C 348 -13.86 -22.01 21.50
C ALA C 348 -15.33 -21.67 21.74
N GLN C 349 -15.58 -20.53 22.39
CA GLN C 349 -16.90 -19.94 22.51
C GLN C 349 -17.00 -18.89 21.42
N GLN C 350 -18.11 -18.86 20.66
CA GLN C 350 -18.22 -18.01 19.49
C GLN C 350 -19.53 -17.27 19.49
N TRP C 351 -19.48 -15.98 19.11
CA TRP C 351 -20.64 -15.18 18.78
C TRP C 351 -20.55 -14.91 17.30
N GLN C 352 -21.64 -15.09 16.55
CA GLN C 352 -21.59 -14.87 15.12
C GLN C 352 -22.91 -14.36 14.58
N ALA C 353 -22.86 -13.66 13.44
CA ALA C 353 -24.03 -13.24 12.72
C ALA C 353 -24.75 -14.42 12.09
N GLY C 354 -26.07 -14.58 12.35
CA GLY C 354 -26.82 -15.79 11.96
C GLY C 354 -26.40 -17.06 12.67
N ASP C 355 -27.09 -18.18 12.38
CA ASP C 355 -26.96 -19.40 13.16
C ASP C 355 -26.07 -20.48 12.54
N SER C 356 -25.43 -20.21 11.39
CA SER C 356 -24.79 -21.25 10.58
C SER C 356 -23.32 -21.40 10.89
N ILE C 357 -22.76 -22.61 10.63
CA ILE C 357 -21.33 -22.88 10.62
C ILE C 357 -20.56 -22.01 9.62
N TRP C 358 -21.23 -21.56 8.54
CA TRP C 358 -20.64 -20.72 7.52
C TRP C 358 -20.88 -19.24 7.73
N SER C 359 -21.76 -18.84 8.67
CA SER C 359 -22.16 -17.45 8.78
C SER C 359 -21.26 -16.68 9.73
N ARG C 360 -20.78 -15.52 9.25
CA ARG C 360 -19.77 -14.73 9.89
C ARG C 360 -20.16 -13.29 9.58
N PRO C 361 -19.68 -12.20 10.17
CA PRO C 361 -18.66 -12.08 11.22
C PRO C 361 -18.78 -13.01 12.40
N ALA C 362 -17.64 -13.50 12.90
CA ALA C 362 -17.54 -14.29 14.09
C ALA C 362 -16.54 -13.65 15.05
N ILE C 363 -16.89 -13.60 16.34
CA ILE C 363 -16.00 -13.21 17.42
C ILE C 363 -15.82 -14.45 18.27
N ARG C 364 -14.57 -14.87 18.49
CA ARG C 364 -14.22 -16.10 19.16
C ARG C 364 -13.37 -15.82 20.38
N VAL C 365 -13.57 -16.60 21.46
CA VAL C 365 -12.63 -16.69 22.56
C VAL C 365 -12.26 -18.16 22.63
N PHE C 366 -10.96 -18.51 22.63
CA PHE C 366 -10.54 -19.89 22.40
C PHE C 366 -9.41 -20.33 23.30
N ALA C 367 -9.24 -21.66 23.40
CA ALA C 367 -8.06 -22.29 23.94
C ALA C 367 -7.71 -23.49 23.05
N THR C 368 -6.42 -23.61 22.69
CA THR C 368 -5.89 -24.60 21.77
C THR C 368 -4.83 -25.39 22.52
N TYR C 369 -4.85 -26.73 22.44
CA TYR C 369 -3.78 -27.59 22.91
C TYR C 369 -3.25 -28.33 21.69
N ALA C 370 -1.92 -28.42 21.54
CA ALA C 370 -1.30 -29.10 20.43
C ALA C 370 -0.17 -29.99 20.94
N LYS C 371 -0.15 -31.26 20.50
CA LYS C 371 0.89 -32.22 20.83
C LYS C 371 1.47 -32.68 19.51
N TRP C 372 2.80 -32.58 19.33
CA TRP C 372 3.44 -33.01 18.10
C TRP C 372 4.61 -33.93 18.42
N ASP C 373 4.97 -34.76 17.44
CA ASP C 373 6.16 -35.57 17.48
C ASP C 373 6.73 -35.53 16.06
N GLU C 374 7.94 -34.96 15.90
CA GLU C 374 8.61 -34.81 14.62
C GLU C 374 9.97 -35.45 14.69
N LYS C 375 10.23 -36.37 13.74
CA LYS C 375 11.44 -37.18 13.71
C LYS C 375 12.23 -36.98 12.43
N TRP C 376 11.79 -36.05 11.57
CA TRP C 376 12.55 -35.64 10.41
C TRP C 376 12.23 -34.18 10.12
N GLY C 377 13.17 -33.46 9.50
CA GLY C 377 12.93 -32.10 9.05
C GLY C 377 13.65 -31.87 7.76
N TYR C 378 13.67 -30.62 7.27
CA TYR C 378 14.42 -30.25 6.09
C TYR C 378 15.72 -29.62 6.51
N ASP C 379 16.84 -30.01 5.88
CA ASP C 379 18.13 -29.40 6.12
C ASP C 379 18.22 -28.05 5.43
N TYR C 380 18.36 -26.98 6.23
CA TYR C 380 18.63 -25.64 5.77
C TYR C 380 19.87 -25.12 6.49
N THR C 381 20.71 -26.01 7.04
CA THR C 381 21.97 -25.60 7.66
C THR C 381 22.98 -25.07 6.66
N GLY C 382 23.68 -23.96 7.01
CA GLY C 382 24.57 -23.27 6.10
C GLY C 382 23.83 -22.48 5.06
N ASN C 383 24.10 -22.78 3.78
CA ASN C 383 23.44 -22.19 2.64
C ASN C 383 23.65 -23.20 1.53
N ALA C 384 23.06 -22.97 0.34
CA ALA C 384 23.14 -23.88 -0.78
C ALA C 384 24.53 -24.21 -1.30
N ASP C 385 25.47 -23.23 -1.38
CA ASP C 385 26.85 -23.47 -1.79
C ASP C 385 27.62 -24.32 -0.76
N ASN C 386 27.46 -24.00 0.53
CA ASN C 386 28.04 -24.74 1.63
C ASN C 386 27.54 -26.19 1.78
N ASN C 387 26.22 -26.43 1.59
CA ASN C 387 25.60 -27.68 2.00
C ASN C 387 24.97 -28.45 0.85
N ALA C 388 25.48 -29.68 0.59
CA ALA C 388 24.95 -30.57 -0.42
C ALA C 388 23.60 -31.21 -0.07
N ASN C 389 23.16 -31.16 1.20
CA ASN C 389 21.86 -31.65 1.60
C ASN C 389 20.84 -30.52 1.72
N PHE C 390 21.16 -29.29 1.26
CA PHE C 390 20.26 -28.16 1.34
C PHE C 390 18.89 -28.40 0.69
N GLY C 391 17.82 -28.14 1.45
CA GLY C 391 16.44 -28.34 1.02
C GLY C 391 15.99 -29.78 1.03
N LYS C 392 16.75 -30.70 1.65
CA LYS C 392 16.46 -32.12 1.61
C LYS C 392 16.00 -32.62 2.95
N ALA C 393 15.02 -33.55 2.97
CA ALA C 393 14.55 -34.19 4.18
C ALA C 393 15.62 -35.06 4.87
N VAL C 394 15.80 -34.88 6.19
CA VAL C 394 16.83 -35.56 6.97
C VAL C 394 16.24 -35.97 8.31
N PRO C 395 16.71 -37.03 9.00
CA PRO C 395 16.33 -37.34 10.38
C PRO C 395 16.52 -36.21 11.38
N ALA C 396 15.79 -36.24 12.50
CA ALA C 396 15.84 -35.23 13.54
C ALA C 396 17.22 -35.03 14.16
N ASP C 397 17.98 -36.11 14.39
CA ASP C 397 19.29 -36.11 15.02
C ASP C 397 20.42 -36.09 13.99
N PHE C 398 20.11 -35.90 12.69
CA PHE C 398 21.04 -36.00 11.58
C PHE C 398 22.36 -35.24 11.77
N ASN C 399 23.46 -36.01 11.83
CA ASN C 399 24.82 -35.51 11.92
C ASN C 399 25.08 -34.71 13.21
N GLY C 400 24.28 -34.95 14.26
CA GLY C 400 24.35 -34.21 15.51
C GLY C 400 23.61 -32.90 15.52
N GLY C 401 22.86 -32.60 14.44
CA GLY C 401 21.96 -31.45 14.38
C GLY C 401 20.64 -31.66 15.08
N SER C 402 19.73 -30.69 14.94
CA SER C 402 18.35 -30.82 15.41
C SER C 402 17.42 -30.36 14.31
N PHE C 403 16.61 -31.27 13.75
CA PHE C 403 15.73 -30.98 12.63
C PHE C 403 14.29 -31.31 12.99
N GLY C 404 13.34 -30.43 12.59
CA GLY C 404 11.95 -30.53 13.03
C GLY C 404 11.75 -29.98 14.41
N ARG C 405 10.52 -30.01 14.92
CA ARG C 405 10.19 -29.40 16.20
C ARG C 405 10.26 -30.37 17.36
N GLY C 406 10.88 -31.56 17.15
CA GLY C 406 11.02 -32.64 18.14
C GLY C 406 9.74 -33.18 18.71
N ASP C 407 9.77 -33.59 19.99
CA ASP C 407 8.61 -34.09 20.71
C ASP C 407 8.34 -33.08 21.82
N SER C 408 7.21 -32.35 21.72
CA SER C 408 6.77 -31.45 22.77
C SER C 408 5.29 -31.20 22.54
N ASP C 409 4.60 -30.68 23.56
CA ASP C 409 3.28 -30.12 23.46
C ASP C 409 3.35 -28.65 23.86
N GLU C 410 2.24 -27.93 23.63
CA GLU C 410 2.09 -26.55 24.00
C GLU C 410 0.60 -26.24 23.99
N TRP C 411 0.17 -25.13 24.61
CA TRP C 411 -1.19 -24.69 24.57
C TRP C 411 -1.26 -23.18 24.46
N THR C 412 -2.21 -22.68 23.64
CA THR C 412 -2.35 -21.27 23.34
C THR C 412 -3.78 -20.87 23.60
N PHE C 413 -4.03 -19.58 23.80
CA PHE C 413 -5.36 -19.10 24.10
C PHE C 413 -5.47 -17.66 23.66
N GLY C 414 -6.69 -17.15 23.46
CA GLY C 414 -6.84 -15.78 23.03
C GLY C 414 -8.21 -15.49 22.51
N ALA C 415 -8.30 -14.45 21.65
CA ALA C 415 -9.53 -13.99 21.09
C ALA C 415 -9.31 -13.63 19.64
N GLN C 416 -10.33 -13.83 18.79
CA GLN C 416 -10.16 -13.69 17.36
C GLN C 416 -11.43 -13.13 16.72
N MET C 417 -11.24 -12.24 15.74
CA MET C 417 -12.23 -11.76 14.81
C MET C 417 -12.03 -12.47 13.50
N GLU C 418 -13.12 -12.93 12.85
CA GLU C 418 -13.03 -13.37 11.47
C GLU C 418 -14.29 -12.98 10.74
N ILE C 419 -14.17 -12.44 9.51
CA ILE C 419 -15.30 -11.94 8.76
C ILE C 419 -15.07 -12.19 7.28
N TRP C 420 -16.16 -12.41 6.53
CA TRP C 420 -16.20 -12.29 5.09
C TRP C 420 -17.50 -11.58 4.82
N TRP C 421 -17.60 -10.85 3.71
CA TRP C 421 -18.78 -10.07 3.41
C TRP C 421 -18.82 -9.80 1.88
#